data_4YUQ
#
_entry.id   4YUQ
#
_cell.length_a   68.701
_cell.length_b   94.253
_cell.length_c   87.395
_cell.angle_alpha   90.000
_cell.angle_beta   93.060
_cell.angle_gamma   90.000
#
_symmetry.space_group_name_H-M   'P 1 21 1'
#
loop_
_entity.id
_entity.type
_entity.pdbx_description
1 polymer 'Calmodulin-like domain protein kinase'
2 non-polymer 'CALCIUM ION'
3 non-polymer 1-cyclopentyl-3-(1H-pyrrolo[2,3-b]pyridin-5-yl)-1H-pyrazolo[3,4-d]pyrimidin-4-amine
#
_entity_poly.entity_id   1
_entity_poly.type   'polypeptide(L)'
_entity_poly.pdbx_seq_one_letter_code
;GPGSPAASKSDKLAATPGMFVQHSTAAFSDRYKGQRVLGKGSFGEVILCKDKVTGQEYAVKVISKRQVKQKTDKELLLKE
VELLKKLDHPNIMKLYEFFEDKGYFYLVTEVYTGGELFDEIISRKRFSEVDAARIIRQVLSGITYMHKNKIVHRDLKPEN
LLLENKRKDANIRIIDFGLSTHFESTKKMKDKIGTAYYIAPEVLHGTYDEKCDVWSTGVILYILLSGCPPFNGANEFDIL
KKVEKGKFTFDLPQWKKVSEPAKDLIRKMLAYVPTMRISARDALEHEWLKTTDAATDSIDVPSLESTILNIRQFQGTQKL
AAAALLYMGSKLTTNEETVELNKIFQRMDKNGDGQLDKQELMEGYVELMKLKGEDVSALDQSAIEFEVEQVLDAVDFDKN
GFIEYSEFVTVAMDRKTLLSRQRLERAFGMFDADGSGKISSSELATIFGVSEVDSETWRRVLAEVDRNNDGEVDFEEFRQ
MLLKLCGDTAA
;
_entity_poly.pdbx_strand_id   A,B
#
loop_
_chem_comp.id
_chem_comp.type
_chem_comp.name
_chem_comp.formula
CA non-polymer 'CALCIUM ION' 'Ca 2'
KS1 non-polymer 1-cyclopentyl-3-(1H-pyrrolo[2,3-b]pyridin-5-yl)-1H-pyrazolo[3,4-d]pyrimidin-4-amine 'C17 H17 N7'
#
# COMPACT_ATOMS: atom_id res chain seq x y z
N LYS A 12 6.38 20.92 4.69
CA LYS A 12 7.09 21.49 5.87
C LYS A 12 8.55 21.06 5.85
N LEU A 13 9.24 21.41 6.93
CA LEU A 13 10.52 20.80 7.32
C LEU A 13 10.24 19.66 8.28
N ALA A 14 10.42 18.43 7.84
CA ALA A 14 10.02 17.30 8.64
C ALA A 14 11.16 16.93 9.60
N ALA A 15 10.91 17.08 10.90
CA ALA A 15 11.92 16.73 11.87
C ALA A 15 11.91 15.19 12.07
N THR A 16 13.03 14.56 11.71
CA THR A 16 13.19 13.11 11.85
C THR A 16 14.57 12.85 12.46
N PRO A 17 14.68 11.81 13.29
CA PRO A 17 15.97 11.39 13.78
C PRO A 17 17.01 11.25 12.65
N GLY A 18 16.63 10.59 11.57
CA GLY A 18 17.55 10.36 10.45
C GLY A 18 18.24 11.59 9.92
N MET A 19 17.56 12.73 9.95
CA MET A 19 18.13 13.89 9.30
C MET A 19 19.41 14.32 10.01
N PHE A 20 19.53 13.92 11.28
CA PHE A 20 20.68 14.28 12.11
C PHE A 20 21.94 13.48 11.81
N VAL A 21 21.80 12.30 11.22
CA VAL A 21 23.00 11.53 10.82
C VAL A 21 23.44 12.12 9.48
N GLN A 22 24.52 12.88 9.49
CA GLN A 22 24.99 13.54 8.29
C GLN A 22 26.40 13.05 8.03
N HIS A 23 26.84 13.20 6.79
CA HIS A 23 28.17 12.81 6.40
C HIS A 23 29.16 13.79 7.02
N SER A 24 29.93 13.33 8.02
CA SER A 24 30.93 14.16 8.71
C SER A 24 32.14 14.42 7.81
N THR A 25 32.87 15.50 8.08
CA THR A 25 34.20 15.67 7.45
C THR A 25 35.26 15.89 8.50
N ALA A 26 35.12 15.15 9.59
CA ALA A 26 36.12 15.04 10.60
C ALA A 26 36.61 13.60 10.47
N ALA A 27 37.75 13.30 11.06
CA ALA A 27 38.31 11.94 11.04
C ALA A 27 37.71 11.14 12.18
N PHE A 28 37.24 9.93 11.89
CA PHE A 28 36.73 9.04 12.93
C PHE A 28 37.66 9.09 14.14
N SER A 29 38.96 8.96 13.88
CA SER A 29 40.00 8.92 14.94
C SER A 29 40.02 10.11 15.86
N ASP A 30 39.60 11.27 15.37
CA ASP A 30 39.53 12.45 16.20
C ASP A 30 38.48 12.37 17.28
N ARG A 31 37.45 11.55 17.10
CA ARG A 31 36.38 11.54 18.08
C ARG A 31 36.10 10.20 18.75
N TYR A 32 36.73 9.13 18.27
CA TYR A 32 36.51 7.80 18.81
C TYR A 32 37.77 6.97 19.03
N LYS A 33 37.62 5.99 19.89
CA LYS A 33 38.72 5.20 20.38
C LYS A 33 38.24 3.78 20.45
N GLY A 34 38.97 2.87 19.81
CA GLY A 34 38.62 1.46 19.80
C GLY A 34 38.88 0.84 21.14
N GLN A 35 38.03 -0.08 21.55
CA GLN A 35 38.16 -0.72 22.84
C GLN A 35 38.43 -2.21 22.63
N ARG A 36 37.52 -2.85 21.91
CA ARG A 36 37.65 -4.25 21.61
C ARG A 36 36.80 -4.64 20.42
N VAL A 37 37.03 -5.86 19.95
CA VAL A 37 36.23 -6.39 18.90
C VAL A 37 35.06 -7.11 19.54
N LEU A 38 33.88 -6.82 18.97
CA LEU A 38 32.63 -7.50 19.30
C LEU A 38 32.41 -8.63 18.33
N GLY A 39 32.75 -8.39 17.06
CA GLY A 39 32.68 -9.42 16.03
C GLY A 39 32.78 -8.94 14.60
N LYS A 40 32.33 -9.80 13.69
CA LYS A 40 32.26 -9.47 12.26
C LYS A 40 30.79 -9.50 11.78
N GLY A 41 30.48 -8.63 10.83
CA GLY A 41 29.16 -8.52 10.29
C GLY A 41 28.97 -9.21 8.96
N SER A 42 27.92 -8.81 8.26
CA SER A 42 27.67 -9.24 6.90
C SER A 42 28.91 -8.93 6.07
N PHE A 43 29.52 -7.76 6.31
CA PHE A 43 30.75 -7.39 5.59
C PHE A 43 31.56 -6.27 6.26
N GLY A 44 32.41 -6.68 7.19
CA GLY A 44 33.23 -5.76 7.95
C GLY A 44 33.01 -6.13 9.40
N GLU A 45 33.88 -5.61 10.27
CA GLU A 45 33.82 -5.97 11.70
C GLU A 45 33.34 -4.80 12.52
N VAL A 46 32.75 -5.13 13.69
CA VAL A 46 32.17 -4.17 14.61
C VAL A 46 33.06 -3.95 15.83
N ILE A 47 33.37 -2.68 16.09
CA ILE A 47 34.31 -2.35 17.13
C ILE A 47 33.65 -1.46 18.14
N LEU A 48 33.52 -1.99 19.34
CA LEU A 48 33.16 -1.21 20.51
C LEU A 48 34.10 -0.01 20.61
N CYS A 49 33.52 1.19 20.55
CA CYS A 49 34.33 2.40 20.65
C CYS A 49 33.77 3.31 21.73
N LYS A 50 34.54 4.31 22.11
CA LYS A 50 34.14 5.29 23.09
C LYS A 50 34.31 6.64 22.48
N ASP A 51 33.33 7.52 22.69
CA ASP A 51 33.47 8.91 22.30
C ASP A 51 34.62 9.43 23.16
N LYS A 52 35.59 10.11 22.56
CA LYS A 52 36.77 10.52 23.30
C LYS A 52 36.49 11.53 24.40
N VAL A 53 35.43 12.33 24.24
CA VAL A 53 35.13 13.43 25.16
C VAL A 53 34.01 13.12 26.16
N THR A 54 33.08 12.26 25.82
CA THR A 54 31.96 11.99 26.72
C THR A 54 32.05 10.60 27.31
N GLY A 55 33.02 9.82 26.83
CA GLY A 55 33.25 8.44 27.27
C GLY A 55 32.11 7.49 27.00
N GLN A 56 31.18 7.90 26.15
CA GLN A 56 30.02 7.08 25.86
C GLN A 56 30.45 5.95 24.92
N GLU A 57 29.91 4.77 25.13
CA GLU A 57 30.15 3.65 24.23
C GLU A 57 29.15 3.47 23.05
N TYR A 58 29.71 3.29 21.86
CA TYR A 58 28.92 2.88 20.70
C TYR A 58 29.55 1.65 20.03
N ALA A 59 28.80 0.98 19.17
CA ALA A 59 29.34 -0.11 18.40
C ALA A 59 29.56 0.39 17.00
N VAL A 60 30.79 0.48 16.56
CA VAL A 60 31.06 0.93 15.21
C VAL A 60 31.31 -0.23 14.27
N LYS A 61 30.87 -0.07 13.05
CA LYS A 61 31.09 -1.04 12.02
C LYS A 61 32.06 -0.41 11.07
N VAL A 62 33.18 -1.08 10.85
CA VAL A 62 34.16 -0.58 9.91
C VAL A 62 34.10 -1.42 8.67
N ILE A 63 34.29 -0.76 7.54
CA ILE A 63 34.16 -1.38 6.24
C ILE A 63 35.28 -0.84 5.37
N SER A 64 36.10 -1.76 4.85
CA SER A 64 37.19 -1.40 3.95
C SER A 64 36.63 -1.00 2.61
N LYS A 65 37.17 0.07 2.04
CA LYS A 65 36.76 0.46 0.70
C LYS A 65 37.22 -0.60 -0.31
N ARG A 66 38.34 -1.26 -0.04
CA ARG A 66 38.87 -2.29 -0.93
C ARG A 66 37.90 -3.48 -1.08
N GLN A 67 37.35 -3.98 0.04
CA GLN A 67 36.45 -5.15 0.02
C GLN A 67 35.21 -4.87 -0.83
N LEU A 76 30.82 0.39 -4.71
CA LEU A 76 30.92 0.74 -3.29
C LEU A 76 29.70 1.53 -2.79
N LEU A 77 28.95 0.94 -1.87
CA LEU A 77 27.69 1.52 -1.39
C LEU A 77 27.53 1.61 0.14
N LEU A 78 27.23 2.82 0.59
CA LEU A 78 26.83 3.10 1.97
C LEU A 78 25.30 2.98 2.09
N LYS A 79 24.76 1.94 1.50
CA LYS A 79 23.31 1.71 1.43
C LYS A 79 22.71 1.55 2.82
N GLU A 80 23.37 0.74 3.64
CA GLU A 80 22.93 0.52 5.00
C GLU A 80 22.70 1.82 5.79
N VAL A 81 23.41 2.87 5.47
CA VAL A 81 23.22 4.15 6.16
C VAL A 81 21.87 4.79 5.79
N GLU A 82 21.52 4.78 4.50
CA GLU A 82 20.30 5.44 4.02
C GLU A 82 19.04 4.75 4.52
N LEU A 83 19.09 3.42 4.51
CA LEU A 83 18.00 2.63 5.06
C LEU A 83 17.81 2.98 6.51
N LEU A 84 18.89 2.98 7.28
CA LEU A 84 18.77 3.18 8.73
C LEU A 84 18.29 4.55 9.12
N LYS A 85 18.62 5.57 8.34
CA LYS A 85 18.06 6.90 8.59
C LYS A 85 16.52 6.97 8.42
N LYS A 86 15.93 6.12 7.57
CA LYS A 86 14.48 6.11 7.38
C LYS A 86 13.74 5.27 8.43
N LEU A 87 14.47 4.58 9.30
CA LEU A 87 13.85 3.74 10.30
C LEU A 87 14.03 4.30 11.70
N ASP A 88 12.95 4.25 12.48
CA ASP A 88 12.93 4.70 13.86
C ASP A 88 11.99 3.77 14.57
N HIS A 89 12.53 2.83 15.33
CA HIS A 89 11.67 1.82 15.92
C HIS A 89 12.38 1.30 17.16
N PRO A 90 11.60 0.97 18.21
CA PRO A 90 12.18 0.53 19.45
C PRO A 90 12.89 -0.83 19.38
N ASN A 91 12.52 -1.65 18.40
CA ASN A 91 13.21 -2.91 18.10
C ASN A 91 14.07 -2.89 16.85
N ILE A 92 14.51 -1.71 16.44
CA ILE A 92 15.50 -1.63 15.37
C ILE A 92 16.69 -0.83 15.82
N MET A 93 17.85 -1.40 15.57
CA MET A 93 19.14 -0.75 15.67
C MET A 93 19.11 0.72 15.37
N LYS A 94 19.79 1.51 16.20
CA LYS A 94 19.85 2.95 16.03
C LYS A 94 21.19 3.33 15.42
N LEU A 95 21.18 4.32 14.55
CA LEU A 95 22.38 4.81 13.91
C LEU A 95 22.63 6.25 14.36
N TYR A 96 23.86 6.55 14.77
CA TYR A 96 24.17 7.87 15.28
C TYR A 96 24.77 8.77 14.25
N GLU A 97 25.82 8.30 13.63
CA GLU A 97 26.50 9.09 12.63
C GLU A 97 27.39 8.18 11.82
N PHE A 98 28.05 8.75 10.84
CA PHE A 98 28.90 7.95 10.04
C PHE A 98 30.01 8.78 9.39
N PHE A 99 31.16 8.11 9.24
CA PHE A 99 32.38 8.74 8.78
C PHE A 99 32.85 7.97 7.60
N GLU A 100 33.42 8.68 6.63
CA GLU A 100 34.05 8.06 5.48
C GLU A 100 35.50 8.45 5.46
N ASP A 101 36.31 7.52 4.99
CA ASP A 101 37.74 7.63 5.02
C ASP A 101 38.29 7.48 3.63
N LYS A 102 39.57 7.75 3.48
CA LYS A 102 40.33 7.32 2.31
C LYS A 102 40.08 5.84 2.08
N GLY A 103 40.22 5.02 3.12
CA GLY A 103 40.16 3.58 2.95
C GLY A 103 38.95 2.90 3.53
N TYR A 104 38.06 3.66 4.15
CA TYR A 104 37.09 3.05 5.06
C TYR A 104 35.79 3.80 5.20
N PHE A 105 34.79 3.08 5.70
CA PHE A 105 33.55 3.67 6.19
C PHE A 105 33.39 3.31 7.64
N TYR A 106 32.83 4.23 8.42
CA TYR A 106 32.50 3.93 9.80
C TYR A 106 31.06 4.30 10.06
N LEU A 107 30.33 3.31 10.56
CA LEU A 107 28.95 3.43 10.91
C LEU A 107 28.80 3.29 12.41
N VAL A 108 28.70 4.43 13.09
CA VAL A 108 28.56 4.45 14.53
C VAL A 108 27.15 4.13 14.94
N THR A 109 26.96 3.14 15.79
CA THR A 109 25.63 2.81 16.22
C THR A 109 25.58 2.54 17.69
N GLU A 110 24.36 2.48 18.20
CA GLU A 110 24.13 2.27 19.60
C GLU A 110 24.57 0.88 19.89
N VAL A 111 25.12 0.66 21.08
CA VAL A 111 25.65 -0.66 21.45
C VAL A 111 24.70 -1.37 22.39
N TYR A 112 24.44 -2.63 22.09
CA TYR A 112 23.51 -3.45 22.84
C TYR A 112 24.31 -4.48 23.55
N THR A 113 24.13 -4.51 24.86
CA THR A 113 25.04 -5.18 25.74
C THR A 113 24.49 -6.50 26.29
N GLY A 114 23.40 -7.01 25.76
CA GLY A 114 22.92 -8.37 26.12
C GLY A 114 23.37 -9.49 25.16
N GLY A 115 24.16 -9.13 24.14
CA GLY A 115 24.66 -10.08 23.18
C GLY A 115 23.56 -10.75 22.37
N GLU A 116 23.95 -11.75 21.60
CA GLU A 116 23.05 -12.36 20.62
C GLU A 116 22.01 -13.26 21.21
N LEU A 117 20.88 -13.30 20.53
CA LEU A 117 19.82 -14.21 20.87
C LEU A 117 20.35 -15.62 20.69
N PHE A 118 21.28 -15.74 19.76
CA PHE A 118 21.85 -17.00 19.43
C PHE A 118 22.42 -17.63 20.66
N ASP A 119 23.20 -16.84 21.38
CA ASP A 119 23.90 -17.36 22.55
C ASP A 119 22.93 -17.74 23.64
N GLU A 120 21.89 -16.92 23.82
CA GLU A 120 20.88 -17.26 24.82
C GLU A 120 20.18 -18.52 24.43
N ILE A 121 19.97 -18.70 23.12
CA ILE A 121 19.33 -19.90 22.64
C ILE A 121 20.16 -21.10 23.05
N ILE A 122 21.47 -21.05 22.79
CA ILE A 122 22.32 -22.23 23.09
C ILE A 122 22.57 -22.37 24.58
N SER A 123 22.03 -21.45 25.36
CA SER A 123 22.25 -21.40 26.81
C SER A 123 21.05 -21.88 27.60
N ARG A 124 19.93 -21.20 27.38
CA ARG A 124 18.67 -21.55 27.99
C ARG A 124 18.05 -22.74 27.26
N LYS A 125 18.51 -23.01 26.04
CA LYS A 125 18.13 -24.19 25.23
C LYS A 125 16.76 -24.10 24.54
N ARG A 126 15.75 -23.69 25.30
CA ARG A 126 14.36 -23.78 24.89
C ARG A 126 13.66 -22.56 25.49
N PHE A 127 12.74 -21.93 24.80
CA PHE A 127 12.10 -20.75 25.36
C PHE A 127 10.66 -20.98 25.79
N SER A 128 10.36 -20.39 26.93
CA SER A 128 9.01 -20.17 27.41
C SER A 128 8.18 -19.62 26.27
N GLU A 129 6.97 -20.13 26.12
CA GLU A 129 6.04 -19.54 25.14
C GLU A 129 5.86 -18.04 25.38
N VAL A 130 5.86 -17.63 26.66
CA VAL A 130 5.71 -16.22 27.01
C VAL A 130 6.87 -15.40 26.45
N ASP A 131 8.07 -15.91 26.69
CA ASP A 131 9.27 -15.20 26.30
C ASP A 131 9.40 -15.19 24.79
N ALA A 132 9.04 -16.31 24.17
CA ALA A 132 9.18 -16.42 22.72
C ALA A 132 8.18 -15.53 22.02
N ALA A 133 6.96 -15.49 22.54
CA ALA A 133 5.94 -14.61 21.97
C ALA A 133 6.37 -13.14 22.05
N ARG A 134 6.91 -12.75 23.20
CA ARG A 134 7.39 -11.38 23.35
C ARG A 134 8.47 -11.05 22.32
N ILE A 135 9.40 -11.98 22.14
CA ILE A 135 10.57 -11.76 21.28
C ILE A 135 10.11 -11.66 19.85
N ILE A 136 9.29 -12.61 19.43
CA ILE A 136 8.81 -12.65 18.05
C ILE A 136 7.93 -11.47 17.70
N ARG A 137 7.13 -11.07 18.67
CA ARG A 137 6.30 -9.90 18.56
C ARG A 137 7.14 -8.65 18.23
N GLN A 138 8.24 -8.47 18.92
CA GLN A 138 9.07 -7.31 18.67
C GLN A 138 9.72 -7.39 17.29
N VAL A 139 10.18 -8.59 16.89
CA VAL A 139 10.80 -8.81 15.58
C VAL A 139 9.78 -8.56 14.46
N LEU A 140 8.61 -9.19 14.57
CA LEU A 140 7.48 -8.91 13.66
C LEU A 140 7.12 -7.43 13.61
N SER A 141 7.16 -6.77 14.76
CA SER A 141 6.89 -5.34 14.81
C SER A 141 7.94 -4.55 14.01
N GLY A 142 9.20 -4.90 14.18
CA GLY A 142 10.25 -4.23 13.43
C GLY A 142 10.05 -4.33 11.93
N ILE A 143 9.70 -5.54 11.48
CA ILE A 143 9.57 -5.79 10.04
C ILE A 143 8.25 -5.24 9.47
N THR A 144 7.19 -5.29 10.27
CA THR A 144 5.94 -4.63 9.88
C THR A 144 6.21 -3.18 9.55
N TYR A 145 6.89 -2.51 10.47
CA TYR A 145 7.34 -1.17 10.24
C TYR A 145 8.22 -1.04 8.97
N MET A 146 9.22 -1.91 8.83
CA MET A 146 10.14 -1.89 7.67
C MET A 146 9.43 -2.08 6.35
N HIS A 147 8.62 -3.12 6.33
CA HIS A 147 7.90 -3.43 5.14
C HIS A 147 7.02 -2.25 4.78
N LYS A 148 6.38 -1.61 5.77
CA LYS A 148 5.59 -0.40 5.49
C LYS A 148 6.44 0.63 4.75
N ASN A 149 7.71 0.76 5.15
CA ASN A 149 8.65 1.70 4.51
C ASN A 149 9.50 1.13 3.37
N LYS A 150 9.05 0.04 2.77
CA LYS A 150 9.67 -0.52 1.55
C LYS A 150 11.10 -1.06 1.77
N ILE A 151 11.30 -1.70 2.92
CA ILE A 151 12.60 -2.23 3.21
C ILE A 151 12.47 -3.64 3.68
N VAL A 152 13.31 -4.50 3.11
CA VAL A 152 13.35 -5.91 3.48
C VAL A 152 14.71 -6.20 4.07
N HIS A 153 14.73 -7.04 5.11
CA HIS A 153 15.97 -7.24 5.87
C HIS A 153 16.85 -8.26 5.17
N ARG A 154 16.29 -9.44 4.91
CA ARG A 154 16.88 -10.50 4.08
C ARG A 154 17.87 -11.42 4.77
N ASP A 155 18.21 -11.12 6.02
CA ASP A 155 19.14 -11.95 6.77
C ASP A 155 18.80 -11.93 8.26
N LEU A 156 17.55 -12.26 8.56
CA LEU A 156 17.09 -12.39 9.94
C LEU A 156 17.45 -13.77 10.49
N LYS A 157 18.06 -13.78 11.67
CA LYS A 157 18.50 -14.99 12.40
C LYS A 157 18.93 -14.56 13.83
N PRO A 158 19.09 -15.53 14.76
CA PRO A 158 19.39 -15.13 16.13
C PRO A 158 20.69 -14.34 16.23
N GLU A 159 21.57 -14.51 15.27
CA GLU A 159 22.82 -13.77 15.23
C GLU A 159 22.53 -12.28 15.03
N ASN A 160 21.50 -11.98 14.27
CA ASN A 160 21.19 -10.60 13.96
C ASN A 160 20.06 -10.00 14.83
N LEU A 161 19.82 -10.65 15.97
CA LEU A 161 18.95 -10.14 17.01
C LEU A 161 19.72 -9.98 18.35
N LEU A 162 19.82 -8.75 18.85
CA LEU A 162 20.48 -8.50 20.10
C LEU A 162 19.53 -8.11 21.21
N LEU A 163 19.85 -8.63 22.38
CA LEU A 163 19.23 -8.19 23.62
C LEU A 163 19.93 -6.90 24.00
N GLU A 164 19.15 -5.91 24.46
CA GLU A 164 19.63 -4.55 24.62
C GLU A 164 20.61 -4.47 25.75
N ASN A 165 20.34 -5.27 26.76
CA ASN A 165 21.13 -5.29 27.96
C ASN A 165 20.99 -6.65 28.65
N LYS A 166 21.51 -6.74 29.86
CA LYS A 166 21.55 -8.00 30.57
C LYS A 166 20.29 -8.28 31.39
N ARG A 167 19.39 -7.32 31.44
CA ARG A 167 18.20 -7.42 32.30
C ARG A 167 17.37 -8.62 31.89
N LYS A 168 16.45 -8.98 32.77
CA LYS A 168 15.81 -10.28 32.72
C LYS A 168 15.15 -10.56 31.38
N ASP A 169 14.20 -9.70 31.00
CA ASP A 169 13.41 -9.91 29.79
C ASP A 169 13.73 -8.78 28.83
N ALA A 170 15.02 -8.68 28.51
CA ALA A 170 15.56 -7.57 27.74
C ALA A 170 14.91 -7.42 26.38
N ASN A 171 14.76 -6.16 26.01
CA ASN A 171 14.24 -5.77 24.72
C ASN A 171 15.10 -6.28 23.60
N ILE A 172 14.49 -6.51 22.45
CA ILE A 172 15.20 -7.07 21.30
C ILE A 172 15.44 -6.04 20.21
N ARG A 173 16.66 -5.99 19.69
CA ARG A 173 16.96 -5.14 18.55
C ARG A 173 17.36 -5.95 17.31
N ILE A 174 16.89 -5.53 16.15
CA ILE A 174 17.31 -6.10 14.87
C ILE A 174 18.59 -5.37 14.45
N ILE A 175 19.59 -6.07 13.93
CA ILE A 175 20.80 -5.38 13.49
C ILE A 175 21.22 -5.83 12.09
N ASP A 176 22.34 -5.32 11.61
CA ASP A 176 22.93 -5.80 10.38
C ASP A 176 22.01 -5.61 9.21
N PHE A 177 21.83 -4.36 8.83
CA PHE A 177 21.07 -4.06 7.63
C PHE A 177 21.97 -4.01 6.41
N GLY A 178 23.10 -4.73 6.47
CA GLY A 178 24.11 -4.67 5.42
C GLY A 178 23.72 -5.44 4.19
N LEU A 179 22.77 -6.37 4.35
CA LEU A 179 22.19 -7.07 3.21
C LEU A 179 20.77 -6.65 2.90
N SER A 180 20.24 -5.67 3.63
CA SER A 180 18.88 -5.22 3.39
C SER A 180 18.80 -4.35 2.15
N THR A 181 17.62 -4.29 1.55
CA THR A 181 17.40 -3.40 0.42
C THR A 181 15.97 -2.87 0.35
N HIS A 182 15.79 -1.85 -0.48
CA HIS A 182 14.44 -1.37 -0.86
C HIS A 182 13.81 -2.34 -1.83
N PHE A 183 12.54 -2.62 -1.64
CA PHE A 183 11.86 -3.51 -2.54
C PHE A 183 10.64 -2.76 -3.09
N GLU A 184 10.22 -3.14 -4.30
CA GLU A 184 8.96 -2.65 -4.87
C GLU A 184 7.94 -3.76 -5.01
N SER A 185 6.69 -3.47 -4.66
CA SER A 185 5.57 -4.35 -4.97
C SER A 185 5.46 -4.70 -6.47
N THR A 186 6.02 -3.88 -7.34
CA THR A 186 6.00 -4.11 -8.78
C THR A 186 6.97 -5.16 -9.26
N LYS A 187 8.24 -4.97 -8.94
CA LYS A 187 9.35 -5.76 -9.48
C LYS A 187 9.96 -6.63 -8.38
N LYS A 188 10.13 -7.91 -8.66
CA LYS A 188 10.62 -8.84 -7.66
C LYS A 188 12.16 -9.02 -7.56
N MET A 189 12.63 -9.38 -6.37
CA MET A 189 14.05 -9.49 -6.10
C MET A 189 14.59 -10.83 -6.57
N LYS A 190 15.86 -10.83 -6.99
CA LYS A 190 16.49 -12.03 -7.59
C LYS A 190 17.76 -12.54 -6.87
N ASP A 191 18.57 -11.62 -6.35
CA ASP A 191 19.81 -11.96 -5.65
C ASP A 191 19.56 -12.91 -4.48
N LYS A 192 20.46 -13.87 -4.36
CA LYS A 192 20.38 -14.91 -3.35
C LYS A 192 21.13 -14.48 -2.10
N ILE A 193 20.37 -14.23 -1.06
CA ILE A 193 20.86 -13.60 0.15
C ILE A 193 20.19 -14.24 1.32
N GLY A 194 20.97 -14.48 2.37
CA GLY A 194 20.47 -15.15 3.56
C GLY A 194 21.45 -16.15 4.12
N THR A 195 20.91 -17.10 4.88
CA THR A 195 21.66 -18.02 5.69
C THR A 195 20.89 -19.34 5.70
N ALA A 196 21.61 -20.44 5.57
CA ALA A 196 21.03 -21.72 5.26
C ALA A 196 19.77 -22.03 6.06
N TYR A 197 19.85 -21.96 7.38
CA TYR A 197 18.74 -22.39 8.22
C TYR A 197 17.51 -21.55 7.96
N TYR A 198 17.76 -20.27 7.68
CA TYR A 198 16.74 -19.21 7.74
C TYR A 198 16.21 -18.73 6.39
N ILE A 199 16.90 -19.11 5.31
CA ILE A 199 16.57 -18.63 3.97
C ILE A 199 15.26 -19.26 3.44
N ALA A 200 14.43 -18.45 2.81
CA ALA A 200 13.14 -18.90 2.31
C ALA A 200 13.34 -19.56 0.95
N PRO A 201 12.51 -20.56 0.65
CA PRO A 201 12.72 -21.30 -0.58
C PRO A 201 12.77 -20.38 -1.78
N GLU A 202 11.95 -19.32 -1.81
CA GLU A 202 11.85 -18.48 -3.01
C GLU A 202 13.12 -17.67 -3.25
N VAL A 203 13.91 -17.43 -2.21
CA VAL A 203 15.19 -16.76 -2.42
C VAL A 203 16.15 -17.70 -3.12
N LEU A 204 16.02 -19.00 -2.85
CA LEU A 204 16.83 -19.97 -3.55
C LEU A 204 16.39 -20.07 -4.99
N HIS A 205 15.08 -20.00 -5.21
CA HIS A 205 14.50 -20.09 -6.57
C HIS A 205 14.88 -18.91 -7.45
N GLY A 206 15.06 -17.73 -6.86
CA GLY A 206 15.57 -16.59 -7.60
C GLY A 206 14.57 -15.45 -7.74
N THR A 207 13.39 -15.62 -7.17
CA THR A 207 12.39 -14.57 -7.26
C THR A 207 11.57 -14.45 -5.94
N TYR A 208 11.74 -13.34 -5.26
CA TYR A 208 11.12 -13.21 -3.97
C TYR A 208 10.75 -11.78 -3.61
N ASP A 209 9.93 -11.67 -2.59
CA ASP A 209 9.48 -10.40 -2.06
C ASP A 209 9.68 -10.34 -0.52
N GLU A 210 9.08 -9.34 0.14
CA GLU A 210 9.29 -9.13 1.57
C GLU A 210 8.85 -10.29 2.44
N LYS A 211 8.01 -11.17 1.92
CA LYS A 211 7.60 -12.34 2.71
C LYS A 211 8.76 -13.26 3.12
N CYS A 212 9.88 -13.19 2.44
CA CYS A 212 11.06 -13.93 2.90
C CYS A 212 11.36 -13.64 4.37
N ASP A 213 11.27 -12.36 4.76
CA ASP A 213 11.47 -11.93 6.17
C ASP A 213 10.54 -12.66 7.15
N VAL A 214 9.35 -12.97 6.70
CA VAL A 214 8.40 -13.70 7.53
C VAL A 214 8.87 -15.13 7.74
N TRP A 215 9.18 -15.80 6.63
CA TRP A 215 9.71 -17.17 6.64
C TRP A 215 10.85 -17.30 7.62
N SER A 216 11.86 -16.46 7.46
CA SER A 216 12.99 -16.44 8.39
C SER A 216 12.55 -16.31 9.86
N THR A 217 11.69 -15.33 10.15
CA THR A 217 11.19 -15.13 11.50
C THR A 217 10.41 -16.35 12.00
N GLY A 218 9.74 -17.04 11.08
CA GLY A 218 9.07 -18.31 11.40
C GLY A 218 10.08 -19.39 11.77
N VAL A 219 11.22 -19.41 11.08
CA VAL A 219 12.27 -20.36 11.43
C VAL A 219 12.80 -20.03 12.84
N ILE A 220 13.07 -18.75 13.04
CA ILE A 220 13.57 -18.34 14.31
C ILE A 220 12.59 -18.80 15.39
N LEU A 221 11.30 -18.57 15.17
CA LEU A 221 10.30 -18.92 16.20
C LEU A 221 10.33 -20.39 16.56
N TYR A 222 10.50 -21.23 15.54
CA TYR A 222 10.52 -22.68 15.67
C TYR A 222 11.64 -23.06 16.63
N ILE A 223 12.82 -22.49 16.38
CA ILE A 223 14.03 -22.72 17.17
C ILE A 223 13.83 -22.30 18.62
N LEU A 224 13.24 -21.11 18.80
CA LEU A 224 13.05 -20.57 20.13
C LEU A 224 12.23 -21.51 20.96
N LEU A 225 11.18 -22.03 20.37
CA LEU A 225 10.27 -22.88 21.11
C LEU A 225 10.73 -24.30 21.29
N SER A 226 11.46 -24.86 20.32
CA SER A 226 11.90 -26.27 20.42
C SER A 226 13.38 -26.46 20.71
N GLY A 227 14.19 -25.44 20.46
CA GLY A 227 15.65 -25.56 20.54
C GLY A 227 16.31 -26.07 19.26
N CYS A 228 15.55 -26.56 18.29
CA CYS A 228 16.13 -27.10 17.04
C CYS A 228 15.61 -26.37 15.80
N PRO A 229 16.43 -26.29 14.73
CA PRO A 229 15.90 -25.70 13.51
C PRO A 229 14.88 -26.65 12.87
N PRO A 230 13.96 -26.10 12.06
CA PRO A 230 12.98 -26.93 11.38
C PRO A 230 13.50 -27.65 10.12
N PHE A 231 14.55 -27.10 9.49
CA PHE A 231 15.26 -27.76 8.39
C PHE A 231 16.74 -27.90 8.72
N ASN A 232 17.23 -29.14 8.67
CA ASN A 232 18.53 -29.41 9.15
C ASN A 232 19.24 -30.38 8.26
N GLY A 233 20.56 -30.41 8.40
CA GLY A 233 21.39 -31.26 7.59
C GLY A 233 22.80 -31.34 8.08
N ALA A 234 23.49 -32.37 7.57
CA ALA A 234 24.88 -32.60 7.85
C ALA A 234 25.79 -31.40 7.50
N ASN A 235 25.43 -30.63 6.49
CA ASN A 235 26.25 -29.52 6.02
C ASN A 235 25.38 -28.49 5.32
N GLU A 236 25.99 -27.40 4.81
CA GLU A 236 25.19 -26.30 4.21
C GLU A 236 24.30 -26.86 3.10
N PHE A 237 24.92 -27.58 2.19
CA PHE A 237 24.24 -28.11 1.04
C PHE A 237 23.03 -28.95 1.44
N ASP A 238 23.22 -29.94 2.33
CA ASP A 238 22.09 -30.73 2.81
C ASP A 238 20.92 -29.93 3.32
N ILE A 239 21.23 -28.84 4.02
CA ILE A 239 20.23 -28.04 4.65
C ILE A 239 19.41 -27.33 3.57
N LEU A 240 20.08 -26.75 2.58
CA LEU A 240 19.39 -26.00 1.55
C LEU A 240 18.42 -26.85 0.73
N LYS A 241 18.75 -28.12 0.54
CA LYS A 241 17.85 -29.03 -0.16
C LYS A 241 16.63 -29.25 0.70
N LYS A 242 16.85 -29.52 1.97
CA LYS A 242 15.75 -29.71 2.93
C LYS A 242 14.85 -28.47 2.95
N VAL A 243 15.48 -27.31 2.92
CA VAL A 243 14.76 -26.04 2.98
C VAL A 243 13.92 -25.87 1.74
N GLU A 244 14.55 -25.99 0.58
CA GLU A 244 13.88 -25.87 -0.73
C GLU A 244 12.70 -26.85 -0.91
N LYS A 245 12.72 -28.00 -0.23
CA LYS A 245 11.59 -28.93 -0.24
C LYS A 245 10.49 -28.43 0.68
N GLY A 246 10.86 -27.65 1.69
CA GLY A 246 9.91 -26.95 2.55
C GLY A 246 9.31 -27.74 3.69
N LYS A 247 9.54 -29.05 3.73
CA LYS A 247 8.83 -29.92 4.68
C LYS A 247 9.49 -29.89 6.04
N PHE A 248 8.67 -29.65 7.06
CA PHE A 248 9.07 -29.68 8.45
C PHE A 248 7.96 -30.38 9.22
N THR A 249 8.24 -30.74 10.46
CA THR A 249 7.32 -31.52 11.27
C THR A 249 7.28 -31.00 12.70
N PHE A 250 6.22 -31.33 13.43
CA PHE A 250 6.17 -31.06 14.88
C PHE A 250 6.24 -32.37 15.65
N ASP A 251 7.01 -33.31 15.10
CA ASP A 251 7.06 -34.68 15.56
C ASP A 251 7.93 -34.91 16.80
N LEU A 252 8.70 -33.90 17.21
CA LEU A 252 9.64 -34.06 18.32
C LEU A 252 8.97 -33.96 19.69
N PRO A 253 9.53 -34.64 20.70
CA PRO A 253 8.88 -34.73 22.01
C PRO A 253 8.67 -33.39 22.73
N GLN A 254 9.63 -32.47 22.60
CA GLN A 254 9.46 -31.15 23.20
C GLN A 254 8.24 -30.39 22.66
N TRP A 255 7.74 -30.74 21.47
CA TRP A 255 6.55 -30.06 20.93
C TRP A 255 5.26 -30.41 21.68
N LYS A 256 5.27 -31.51 22.41
CA LYS A 256 4.13 -31.92 23.21
C LYS A 256 3.83 -30.87 24.28
N LYS A 257 4.87 -30.19 24.74
CA LYS A 257 4.73 -29.10 25.68
C LYS A 257 4.23 -27.79 25.03
N VAL A 258 4.20 -27.64 23.71
CA VAL A 258 3.79 -26.35 23.10
C VAL A 258 2.33 -26.32 22.65
N SER A 259 1.70 -25.13 22.77
CA SER A 259 0.25 -24.96 22.46
C SER A 259 -0.02 -24.92 20.96
N GLU A 260 -1.25 -25.26 20.58
CA GLU A 260 -1.57 -25.33 19.14
C GLU A 260 -1.44 -24.01 18.44
N PRO A 261 -1.89 -22.92 19.08
CA PRO A 261 -1.83 -21.68 18.35
C PRO A 261 -0.43 -21.32 17.93
N ALA A 262 0.53 -21.66 18.78
CA ALA A 262 1.92 -21.40 18.46
C ALA A 262 2.32 -22.16 17.22
N LYS A 263 1.88 -23.40 17.13
CA LYS A 263 2.17 -24.17 15.94
C LYS A 263 1.44 -23.61 14.72
N ASP A 264 0.21 -23.15 14.95
CA ASP A 264 -0.56 -22.54 13.91
C ASP A 264 0.14 -21.36 13.29
N LEU A 265 0.66 -20.50 14.14
CA LEU A 265 1.35 -19.33 13.65
C LEU A 265 2.54 -19.74 12.84
N ILE A 266 3.25 -20.74 13.35
CA ILE A 266 4.43 -21.27 12.65
C ILE A 266 4.06 -21.74 11.27
N ARG A 267 3.00 -22.53 11.17
CA ARG A 267 2.50 -22.99 9.87
C ARG A 267 2.28 -21.83 8.89
N LYS A 268 1.57 -20.82 9.37
CA LYS A 268 1.26 -19.66 8.56
C LYS A 268 2.50 -18.87 8.11
N MET A 269 3.51 -18.83 8.96
CA MET A 269 4.73 -18.07 8.67
C MET A 269 5.65 -18.84 7.74
N LEU A 270 5.60 -20.17 7.80
CA LEU A 270 6.42 -21.02 6.91
C LEU A 270 5.61 -21.69 5.81
N ALA A 271 4.49 -21.08 5.43
CA ALA A 271 3.70 -21.58 4.31
C ALA A 271 4.58 -21.51 3.06
N TYR A 272 4.66 -22.61 2.32
CA TYR A 272 5.64 -22.67 1.25
C TYR A 272 5.49 -21.50 0.30
N VAL A 273 4.26 -21.31 -0.19
CA VAL A 273 3.95 -20.38 -1.27
C VAL A 273 3.86 -18.96 -0.73
N PRO A 274 4.70 -18.06 -1.23
CA PRO A 274 4.66 -16.72 -0.64
C PRO A 274 3.25 -16.09 -0.51
N THR A 275 2.46 -16.15 -1.58
CA THR A 275 1.13 -15.53 -1.63
C THR A 275 0.23 -16.17 -0.59
N MET A 276 0.52 -17.41 -0.17
CA MET A 276 -0.29 -18.07 0.87
C MET A 276 0.28 -17.84 2.23
N ARG A 277 1.41 -17.15 2.32
CA ARG A 277 2.08 -16.97 3.61
C ARG A 277 1.63 -15.67 4.24
N ILE A 278 1.49 -15.66 5.55
CA ILE A 278 1.00 -14.49 6.29
C ILE A 278 1.95 -13.31 6.16
N SER A 279 1.39 -12.09 6.13
CA SER A 279 2.20 -10.88 6.10
C SER A 279 2.66 -10.60 7.52
N ALA A 280 3.68 -9.74 7.69
CA ALA A 280 4.14 -9.42 9.05
C ALA A 280 3.03 -8.74 9.80
N ARG A 281 2.47 -7.73 9.14
CA ARG A 281 1.42 -6.95 9.71
C ARG A 281 0.30 -7.84 10.24
N ASP A 282 -0.10 -8.86 9.50
CA ASP A 282 -1.20 -9.71 9.93
C ASP A 282 -0.78 -10.67 11.02
N ALA A 283 0.49 -11.07 11.00
CA ALA A 283 1.05 -12.00 11.98
C ALA A 283 0.95 -11.43 13.38
N LEU A 284 1.21 -10.14 13.51
CA LEU A 284 1.01 -9.41 14.79
C LEU A 284 -0.34 -9.61 15.45
N GLU A 285 -1.37 -9.77 14.63
CA GLU A 285 -2.72 -9.86 15.14
C GLU A 285 -3.01 -11.30 15.59
N HIS A 286 -2.09 -12.24 15.36
CA HIS A 286 -2.34 -13.66 15.67
C HIS A 286 -2.61 -13.83 17.17
N GLU A 287 -3.55 -14.71 17.48
CA GLU A 287 -3.97 -15.03 18.86
C GLU A 287 -2.75 -15.14 19.76
N TRP A 288 -1.86 -16.04 19.37
CA TRP A 288 -0.74 -16.48 20.19
C TRP A 288 0.11 -15.33 20.69
N LEU A 289 0.49 -14.42 19.82
CA LEU A 289 1.30 -13.29 20.25
C LEU A 289 0.73 -12.34 21.28
N LYS A 290 -0.37 -12.70 21.92
CA LYS A 290 -0.92 -11.87 22.96
C LYS A 290 -0.76 -12.61 24.28
N THR A 291 0.31 -13.39 24.36
CA THR A 291 0.60 -14.25 25.47
C THR A 291 1.44 -13.47 26.47
N THR A 292 0.93 -13.35 27.70
CA THR A 292 1.52 -12.51 28.72
C THR A 292 1.27 -13.14 30.07
N ASP A 293 1.81 -12.54 31.11
CA ASP A 293 1.62 -12.97 32.48
C ASP A 293 1.74 -11.77 33.42
N ASP A 297 3.49 -9.16 34.24
CA ASP A 297 4.05 -8.05 33.49
C ASP A 297 3.13 -6.82 33.48
N SER A 298 3.46 -5.80 34.28
CA SER A 298 2.66 -4.56 34.37
C SER A 298 3.54 -3.32 34.67
N ILE A 299 2.91 -2.14 34.76
CA ILE A 299 3.61 -0.85 34.92
C ILE A 299 3.14 -0.16 36.21
N ASP A 300 4.01 0.65 36.86
CA ASP A 300 3.56 1.45 38.00
C ASP A 300 2.60 2.42 37.40
N VAL A 301 1.59 2.77 38.18
CA VAL A 301 0.69 3.82 37.78
C VAL A 301 1.43 5.17 37.71
N PRO A 302 2.24 5.49 38.73
CA PRO A 302 2.91 6.80 38.70
C PRO A 302 3.75 7.01 37.47
N SER A 303 4.58 6.04 37.11
CA SER A 303 5.40 6.16 35.92
C SER A 303 4.54 6.41 34.68
N LEU A 304 3.45 5.66 34.56
CA LEU A 304 2.55 5.79 33.42
C LEU A 304 1.90 7.14 33.47
N GLU A 305 1.52 7.54 34.66
CA GLU A 305 0.89 8.83 34.80
C GLU A 305 1.82 9.96 34.39
N SER A 306 3.08 9.88 34.81
CA SER A 306 4.09 10.90 34.50
C SER A 306 4.22 11.09 33.01
N THR A 307 4.38 9.95 32.36
CA THR A 307 4.52 9.88 30.93
C THR A 307 3.31 10.49 30.24
N ILE A 308 2.12 10.00 30.59
CA ILE A 308 0.89 10.52 29.99
C ILE A 308 0.80 12.02 30.22
N LEU A 309 1.19 12.49 31.40
CA LEU A 309 1.07 13.90 31.73
C LEU A 309 2.08 14.75 30.95
N ASN A 310 3.33 14.26 30.87
CA ASN A 310 4.34 14.94 30.05
C ASN A 310 3.92 15.04 28.58
N ILE A 311 3.23 14.03 28.05
CA ILE A 311 2.82 14.06 26.64
C ILE A 311 1.72 15.10 26.42
N ARG A 312 0.75 15.10 27.33
CA ARG A 312 -0.36 16.07 27.30
C ARG A 312 0.11 17.51 27.33
N GLN A 313 1.15 17.76 28.11
CA GLN A 313 1.63 19.10 28.35
C GLN A 313 2.65 19.62 27.34
N PHE A 314 3.07 18.79 26.40
CA PHE A 314 4.00 19.24 25.36
C PHE A 314 3.24 20.22 24.49
N GLN A 315 3.77 21.41 24.37
CA GLN A 315 3.16 22.45 23.57
C GLN A 315 4.06 22.58 22.37
N GLY A 316 3.44 22.64 21.19
CA GLY A 316 4.18 22.73 19.92
C GLY A 316 5.00 24.00 19.91
N THR A 317 5.91 24.15 18.95
CA THR A 317 6.81 25.30 18.98
C THR A 317 7.49 25.56 17.65
N GLN A 318 8.40 26.53 17.62
CA GLN A 318 9.17 26.83 16.42
C GLN A 318 10.20 25.73 16.12
N LYS A 319 10.73 25.75 14.90
CA LYS A 319 11.44 24.61 14.38
C LYS A 319 12.80 24.41 15.00
N LEU A 320 13.49 25.50 15.35
CA LEU A 320 14.77 25.37 16.04
C LEU A 320 14.57 24.52 17.29
N ALA A 321 13.58 24.83 18.11
CA ALA A 321 13.31 24.05 19.30
C ALA A 321 12.96 22.60 18.98
N ALA A 322 12.17 22.40 17.93
CA ALA A 322 11.75 21.06 17.55
C ALA A 322 12.96 20.22 17.23
N ALA A 323 13.83 20.74 16.38
CA ALA A 323 15.00 19.99 16.00
C ALA A 323 15.84 19.65 17.25
N ALA A 324 16.02 20.66 18.10
CA ALA A 324 16.80 20.52 19.31
C ALA A 324 16.26 19.43 20.20
N LEU A 325 14.94 19.40 20.42
CA LEU A 325 14.39 18.42 21.32
C LEU A 325 14.52 17.06 20.73
N LEU A 326 14.22 16.94 19.45
CA LEU A 326 14.24 15.65 18.79
C LEU A 326 15.62 15.15 18.74
N TYR A 327 16.58 16.05 18.49
CA TYR A 327 18.00 15.67 18.53
C TYR A 327 18.39 15.09 19.90
N MET A 328 18.01 15.79 20.95
CA MET A 328 18.35 15.37 22.27
C MET A 328 17.67 14.05 22.59
N GLY A 329 16.39 13.95 22.27
CA GLY A 329 15.63 12.76 22.55
C GLY A 329 16.09 11.57 21.73
N SER A 330 16.44 11.78 20.46
CA SER A 330 16.67 10.64 19.57
C SER A 330 18.15 10.22 19.53
N LYS A 331 19.07 11.17 19.66
CA LYS A 331 20.50 10.88 19.54
C LYS A 331 21.30 11.00 20.84
N LEU A 332 20.77 11.70 21.85
CA LEU A 332 21.55 11.96 23.04
C LEU A 332 21.04 11.26 24.29
N THR A 333 20.16 10.29 24.14
CA THR A 333 19.65 9.57 25.30
C THR A 333 20.14 8.15 25.27
N THR A 334 20.53 7.65 26.41
CA THR A 334 21.12 6.32 26.46
C THR A 334 19.99 5.33 26.59
N ASN A 335 20.31 4.07 26.39
CA ASN A 335 19.33 3.02 26.59
C ASN A 335 18.83 2.90 28.00
N GLU A 336 19.73 3.08 28.97
CA GLU A 336 19.37 2.99 30.38
C GLU A 336 18.27 3.99 30.67
N GLU A 337 18.39 5.17 30.08
CA GLU A 337 17.43 6.22 30.33
C GLU A 337 16.07 5.97 29.71
N THR A 338 16.02 5.19 28.64
CA THR A 338 14.76 4.96 27.94
C THR A 338 14.16 3.56 28.12
N VAL A 339 14.65 2.74 29.06
CA VAL A 339 14.08 1.39 29.18
C VAL A 339 12.63 1.43 29.64
N GLU A 340 12.30 2.31 30.58
CA GLU A 340 10.91 2.37 31.01
C GLU A 340 10.03 2.96 29.92
N LEU A 341 10.50 4.03 29.31
CA LEU A 341 9.77 4.64 28.21
C LEU A 341 9.50 3.64 27.09
N ASN A 342 10.45 2.73 26.88
CA ASN A 342 10.36 1.74 25.81
C ASN A 342 9.28 0.73 26.09
N LYS A 343 9.14 0.27 27.32
CA LYS A 343 8.03 -0.62 27.67
C LYS A 343 6.67 0.04 27.46
N ILE A 344 6.52 1.26 27.98
CA ILE A 344 5.27 1.99 27.87
C ILE A 344 4.81 2.06 26.41
N PHE A 345 5.69 2.45 25.52
CA PHE A 345 5.36 2.61 24.09
C PHE A 345 4.81 1.33 23.46
N GLN A 346 5.43 0.22 23.81
CA GLN A 346 5.03 -1.05 23.24
C GLN A 346 3.64 -1.48 23.75
N ARG A 347 3.35 -1.08 24.98
CA ARG A 347 2.10 -1.47 25.59
C ARG A 347 1.01 -0.54 25.06
N MET A 348 1.33 0.73 24.86
CA MET A 348 0.39 1.63 24.21
C MET A 348 0.20 1.31 22.72
N ASP A 349 1.17 0.63 22.10
CA ASP A 349 1.05 0.17 20.69
C ASP A 349 0.39 -1.21 20.59
N LYS A 350 -0.94 -1.20 20.69
CA LYS A 350 -1.70 -2.43 20.74
C LYS A 350 -1.51 -3.26 19.49
N ASN A 351 -1.46 -2.65 18.32
CA ASN A 351 -1.34 -3.42 17.07
C ASN A 351 0.10 -3.71 16.64
N GLY A 352 1.08 -3.33 17.48
CA GLY A 352 2.47 -3.66 17.22
C GLY A 352 3.23 -2.92 16.13
N ASP A 353 2.56 -2.17 15.27
CA ASP A 353 3.24 -1.65 14.06
C ASP A 353 4.40 -0.65 14.27
N GLY A 354 4.76 -0.39 15.53
CA GLY A 354 5.82 0.57 15.81
C GLY A 354 5.43 2.04 15.64
N GLN A 355 4.13 2.32 15.59
CA GLN A 355 3.60 3.67 15.50
C GLN A 355 2.44 3.75 16.45
N LEU A 356 2.33 4.88 17.13
CA LEU A 356 1.12 5.19 17.91
C LEU A 356 0.21 6.01 17.02
N ASP A 357 -1.05 5.60 16.98
CA ASP A 357 -2.05 6.31 16.24
C ASP A 357 -3.07 6.90 17.17
N LYS A 358 -3.90 7.78 16.62
CA LYS A 358 -4.93 8.45 17.41
C LYS A 358 -5.73 7.47 18.28
N GLN A 359 -6.19 6.35 17.73
CA GLN A 359 -7.03 5.42 18.51
C GLN A 359 -6.25 4.70 19.60
N GLU A 360 -4.99 4.37 19.31
CA GLU A 360 -4.13 3.75 20.29
C GLU A 360 -3.96 4.70 21.43
N LEU A 361 -3.78 5.98 21.09
CA LEU A 361 -3.54 7.03 22.09
C LEU A 361 -4.76 7.22 22.97
N MET A 362 -5.92 7.14 22.36
CA MET A 362 -7.17 7.30 23.07
C MET A 362 -7.35 6.20 24.11
N GLU A 363 -7.09 4.97 23.70
CA GLU A 363 -7.20 3.83 24.60
C GLU A 363 -6.17 3.85 25.73
N GLY A 364 -5.05 4.51 25.50
CA GLY A 364 -4.02 4.66 26.53
C GLY A 364 -4.56 5.42 27.69
N TYR A 365 -5.09 6.60 27.41
CA TYR A 365 -5.68 7.43 28.43
C TYR A 365 -6.83 6.70 29.13
N VAL A 366 -7.65 5.99 28.36
CA VAL A 366 -8.77 5.25 28.94
C VAL A 366 -8.21 4.17 29.88
N GLU A 367 -7.29 3.37 29.34
CA GLU A 367 -6.55 2.35 30.10
C GLU A 367 -6.04 2.91 31.45
N LEU A 368 -5.43 4.10 31.41
CA LEU A 368 -5.02 4.77 32.64
C LEU A 368 -6.18 5.16 33.53
N MET A 369 -7.27 5.61 32.91
CA MET A 369 -8.48 6.00 33.63
C MET A 369 -9.10 4.84 34.40
N LYS A 370 -9.10 3.63 33.82
CA LYS A 370 -9.52 2.45 34.58
C LYS A 370 -8.62 2.25 35.80
N LEU A 371 -7.30 2.35 35.59
CA LEU A 371 -6.31 2.23 36.66
C LEU A 371 -6.51 3.24 37.80
N LYS A 372 -7.16 4.37 37.49
CA LYS A 372 -7.50 5.39 38.47
C LYS A 372 -8.91 5.25 39.06
N GLY A 373 -9.63 4.21 38.67
CA GLY A 373 -11.01 4.00 39.14
C GLY A 373 -12.09 4.82 38.46
N GLU A 374 -11.70 5.84 37.70
CA GLU A 374 -12.65 6.75 37.10
C GLU A 374 -13.48 5.95 36.11
N ASP A 375 -14.73 6.35 35.94
CA ASP A 375 -15.64 5.52 35.14
C ASP A 375 -15.49 5.70 33.63
N VAL A 376 -15.38 4.56 32.95
CA VAL A 376 -15.27 4.53 31.50
C VAL A 376 -16.54 5.05 30.84
N SER A 377 -17.68 4.64 31.36
CA SER A 377 -18.98 5.06 30.82
C SER A 377 -19.16 6.59 30.87
N ALA A 378 -18.81 7.18 32.01
CA ALA A 378 -18.97 8.62 32.22
C ALA A 378 -17.76 9.33 31.63
N LEU A 379 -17.65 9.31 30.31
CA LEU A 379 -16.51 9.90 29.63
C LEU A 379 -16.95 10.50 28.31
N ASP A 380 -16.54 11.75 28.07
CA ASP A 380 -16.83 12.39 26.81
C ASP A 380 -15.81 11.87 25.79
N GLN A 381 -16.13 10.72 25.21
CA GLN A 381 -15.34 10.09 24.15
C GLN A 381 -14.83 11.08 23.11
N SER A 382 -15.74 11.95 22.65
CA SER A 382 -15.41 12.96 21.65
C SER A 382 -14.53 14.07 22.19
N ALA A 383 -14.70 14.42 23.46
CA ALA A 383 -13.83 15.39 24.12
C ALA A 383 -12.39 14.89 24.19
N ILE A 384 -12.24 13.63 24.62
CA ILE A 384 -10.93 12.99 24.68
C ILE A 384 -10.32 12.92 23.29
N GLU A 385 -11.11 12.44 22.34
CA GLU A 385 -10.66 12.20 20.96
C GLU A 385 -10.16 13.52 20.38
N PHE A 386 -10.82 14.60 20.76
CA PHE A 386 -10.41 15.94 20.37
C PHE A 386 -9.07 16.30 21.00
N GLU A 387 -8.92 15.96 22.27
CA GLU A 387 -7.70 16.30 22.97
C GLU A 387 -6.54 15.51 22.38
N VAL A 388 -6.85 14.27 22.03
CA VAL A 388 -5.86 13.42 21.42
C VAL A 388 -5.44 13.96 20.06
N GLU A 389 -6.37 14.54 19.31
CA GLU A 389 -6.00 15.05 17.99
C GLU A 389 -4.93 16.14 18.16
N GLN A 390 -4.98 16.85 19.29
CA GLN A 390 -4.16 18.05 19.48
C GLN A 390 -2.81 17.68 20.03
N VAL A 391 -2.76 16.67 20.90
CA VAL A 391 -1.50 16.04 21.30
C VAL A 391 -0.68 15.57 20.08
N LEU A 392 -1.33 14.75 19.26
CA LEU A 392 -0.76 14.26 18.00
C LEU A 392 -0.22 15.42 17.19
N ASP A 393 -0.98 16.49 17.10
CA ASP A 393 -0.54 17.61 16.31
C ASP A 393 0.74 18.19 16.88
N ALA A 394 0.84 18.26 18.20
CA ALA A 394 1.99 18.85 18.88
C ALA A 394 3.23 18.02 18.74
N VAL A 395 3.03 16.73 19.00
CA VAL A 395 4.11 15.78 19.12
C VAL A 395 4.63 15.20 17.80
N ASP A 396 3.77 15.03 16.81
CA ASP A 396 4.15 14.39 15.53
C ASP A 396 5.13 15.26 14.76
N PHE A 397 6.39 15.18 15.16
CA PHE A 397 7.47 16.02 14.62
C PHE A 397 7.56 16.03 13.09
N ASP A 398 7.35 14.89 12.43
CA ASP A 398 7.48 14.85 10.96
C ASP A 398 6.14 14.92 10.20
N LYS A 399 5.05 15.10 10.93
CA LYS A 399 3.74 15.30 10.34
C LYS A 399 3.32 14.16 9.42
N ASN A 400 3.59 12.94 9.86
CA ASN A 400 3.21 11.75 9.11
C ASN A 400 1.95 11.13 9.70
N GLY A 401 1.29 11.85 10.62
CA GLY A 401 0.09 11.35 11.26
C GLY A 401 0.29 10.26 12.31
N PHE A 402 1.53 10.00 12.70
CA PHE A 402 1.81 8.92 13.66
C PHE A 402 2.87 9.38 14.64
N ILE A 403 2.79 8.89 15.86
CA ILE A 403 3.81 9.17 16.85
C ILE A 403 4.77 8.00 16.90
N GLU A 404 5.98 8.24 16.39
CA GLU A 404 7.02 7.23 16.38
C GLU A 404 7.83 7.24 17.70
N TYR A 405 8.64 6.20 17.89
CA TYR A 405 9.31 6.00 19.15
C TYR A 405 10.13 7.18 19.62
N SER A 406 10.97 7.73 18.76
CA SER A 406 11.84 8.80 19.19
C SER A 406 11.08 10.09 19.45
N GLU A 407 10.02 10.29 18.68
CA GLU A 407 9.10 11.39 18.90
C GLU A 407 8.54 11.24 20.31
N PHE A 408 8.08 10.03 20.61
CA PHE A 408 7.50 9.73 21.91
C PHE A 408 8.53 10.00 23.01
N VAL A 409 9.71 9.47 22.86
CA VAL A 409 10.72 9.62 23.92
C VAL A 409 10.95 11.09 24.18
N THR A 410 11.16 11.87 23.12
CA THR A 410 11.58 13.25 23.28
C THR A 410 10.59 14.00 24.16
N VAL A 411 9.35 13.65 23.94
CA VAL A 411 8.18 14.33 24.44
C VAL A 411 7.82 13.78 25.83
N ALA A 412 7.90 12.47 25.99
CA ALA A 412 7.40 11.79 27.19
C ALA A 412 8.42 11.76 28.34
N MET A 413 9.71 11.89 28.00
CA MET A 413 10.75 11.95 29.01
C MET A 413 10.58 13.20 29.84
N ASP A 414 10.90 13.11 31.14
CA ASP A 414 10.84 14.23 32.06
C ASP A 414 11.75 15.32 31.55
N ARG A 415 11.20 16.51 31.39
CA ARG A 415 11.86 17.60 30.67
C ARG A 415 13.15 18.04 31.35
N LYS A 416 13.21 17.95 32.68
CA LYS A 416 14.47 18.30 33.40
C LYS A 416 15.52 17.20 33.22
N THR A 417 15.08 15.95 33.21
CA THR A 417 15.96 14.84 32.85
C THR A 417 16.50 14.99 31.44
N LEU A 418 15.62 15.26 30.48
CA LEU A 418 16.03 15.39 29.09
C LEU A 418 16.93 16.62 28.92
N LEU A 419 16.44 17.75 29.39
CA LEU A 419 17.19 19.00 29.33
C LEU A 419 18.13 19.08 30.54
N SER A 420 18.91 18.02 30.74
CA SER A 420 20.08 18.07 31.60
C SER A 420 20.99 19.16 31.03
N ARG A 421 21.82 19.76 31.88
CA ARG A 421 22.70 20.87 31.47
C ARG A 421 23.75 20.42 30.44
N GLN A 422 24.23 19.17 30.56
CA GLN A 422 25.01 18.47 29.52
C GLN A 422 24.36 18.42 28.16
N ARG A 423 23.18 17.81 28.12
CA ARG A 423 22.50 17.52 26.87
C ARG A 423 22.30 18.81 26.09
N LEU A 424 21.84 19.86 26.79
CA LEU A 424 21.71 21.20 26.22
C LEU A 424 22.98 21.70 25.53
N GLU A 425 24.08 21.60 26.25
CA GLU A 425 25.38 22.04 25.76
C GLU A 425 25.73 21.25 24.51
N ARG A 426 25.42 19.96 24.56
CA ARG A 426 25.81 19.07 23.47
C ARG A 426 25.00 19.36 22.24
N ALA A 427 23.70 19.58 22.40
CA ALA A 427 22.84 19.91 21.26
C ALA A 427 23.33 21.19 20.61
N PHE A 428 23.49 22.25 21.40
CA PHE A 428 23.94 23.53 20.85
C PHE A 428 25.22 23.35 20.05
N GLY A 429 26.19 22.63 20.61
CA GLY A 429 27.44 22.37 19.92
C GLY A 429 27.21 21.85 18.51
N MET A 430 26.33 20.86 18.39
CA MET A 430 26.04 20.17 17.11
C MET A 430 25.40 21.11 16.12
N PHE A 431 24.57 22.01 16.64
CA PHE A 431 23.83 22.94 15.80
C PHE A 431 24.76 24.05 15.32
N ASP A 432 25.61 24.58 16.21
CA ASP A 432 26.58 25.62 15.83
C ASP A 432 27.82 25.01 15.17
N ALA A 433 27.65 24.69 13.89
CA ALA A 433 28.64 23.95 13.13
C ALA A 433 29.98 24.67 12.93
N ASP A 434 29.95 25.98 12.71
CA ASP A 434 31.17 26.77 12.49
C ASP A 434 31.76 27.27 13.80
N GLY A 435 31.33 26.71 14.92
CA GLY A 435 31.86 27.07 16.24
C GLY A 435 31.72 28.53 16.65
N SER A 436 30.92 29.31 15.91
CA SER A 436 30.85 30.77 16.14
C SER A 436 30.22 31.17 17.47
N GLY A 437 29.72 30.19 18.22
CA GLY A 437 28.99 30.46 19.45
C GLY A 437 27.58 30.95 19.22
N LYS A 438 27.11 30.88 17.97
CA LYS A 438 25.77 31.34 17.58
C LYS A 438 25.19 30.49 16.47
N ILE A 439 23.91 30.15 16.58
CA ILE A 439 23.20 29.37 15.56
C ILE A 439 22.63 30.27 14.48
N SER A 440 23.07 30.06 13.23
CA SER A 440 22.54 30.78 12.06
C SER A 440 21.48 29.97 11.31
N SER A 441 20.66 30.65 10.51
CA SER A 441 19.65 29.96 9.69
C SER A 441 20.28 28.95 8.74
N SER A 442 21.45 29.28 8.21
CA SER A 442 22.18 28.37 7.35
C SER A 442 22.53 27.09 8.12
N GLU A 443 23.03 27.27 9.33
CA GLU A 443 23.26 26.15 10.23
C GLU A 443 21.98 25.36 10.48
N LEU A 444 20.85 26.04 10.65
CA LEU A 444 19.56 25.33 10.85
C LEU A 444 19.16 24.52 9.61
N ALA A 445 19.33 25.12 8.44
CA ALA A 445 19.07 24.42 7.18
C ALA A 445 19.91 23.16 7.12
N THR A 446 21.18 23.33 7.47
CA THR A 446 22.13 22.23 7.50
C THR A 446 21.61 21.14 8.40
N ILE A 447 21.12 21.52 9.56
CA ILE A 447 20.59 20.55 10.51
C ILE A 447 19.43 19.78 9.92
N PHE A 448 18.55 20.47 9.21
CA PHE A 448 17.39 19.83 8.59
C PHE A 448 17.69 19.06 7.29
N GLY A 449 18.89 19.22 6.75
CA GLY A 449 19.32 18.46 5.58
C GLY A 449 18.76 19.04 4.30
N VAL A 450 18.64 20.36 4.30
CA VAL A 450 17.89 21.06 3.28
C VAL A 450 18.62 22.39 2.97
N SER A 451 18.41 22.90 1.76
CA SER A 451 19.19 24.02 1.22
C SER A 451 19.09 25.29 2.04
N GLU A 452 17.87 25.68 2.36
CA GLU A 452 17.64 26.90 3.10
C GLU A 452 16.39 26.79 3.93
N VAL A 453 16.34 27.56 5.00
CA VAL A 453 15.16 27.56 5.83
C VAL A 453 14.27 28.68 5.33
N ASP A 454 12.98 28.36 5.21
CA ASP A 454 12.01 29.33 4.78
C ASP A 454 12.19 30.56 5.66
N SER A 455 12.31 31.71 5.02
CA SER A 455 12.39 32.98 5.72
C SER A 455 11.22 33.09 6.69
N GLU A 456 10.05 32.64 6.25
CA GLU A 456 8.88 32.61 7.14
C GLU A 456 9.22 31.90 8.44
N THR A 457 9.76 30.69 8.31
CA THR A 457 10.09 29.87 9.46
C THR A 457 11.08 30.56 10.35
N TRP A 458 12.19 31.02 9.78
CA TRP A 458 13.26 31.67 10.56
C TRP A 458 12.73 32.92 11.23
N ARG A 459 11.98 33.75 10.49
CA ARG A 459 11.31 34.91 11.08
C ARG A 459 10.52 34.43 12.29
N ARG A 460 9.72 33.39 12.09
CA ARG A 460 8.95 32.79 13.17
C ARG A 460 9.90 32.38 14.30
N VAL A 461 11.07 31.85 13.95
CA VAL A 461 12.04 31.41 14.94
C VAL A 461 12.67 32.55 15.72
N LEU A 462 13.09 33.63 15.06
CA LEU A 462 13.77 34.74 15.75
C LEU A 462 12.82 35.54 16.65
N ALA A 463 11.63 35.79 16.10
CA ALA A 463 10.53 36.48 16.78
C ALA A 463 10.17 35.89 18.14
N GLU A 464 10.48 34.61 18.36
CA GLU A 464 10.23 33.94 19.64
C GLU A 464 11.49 33.79 20.55
N VAL A 465 12.70 33.99 20.00
CA VAL A 465 13.95 33.65 20.70
C VAL A 465 15.01 34.77 20.83
N ASP A 466 15.18 35.67 19.85
CA ASP A 466 16.42 36.50 19.75
C ASP A 466 16.65 37.67 20.76
N ARG A 467 17.39 37.40 21.85
CA ARG A 467 17.35 38.33 22.97
C ARG A 467 18.19 39.57 22.70
N ASN A 468 19.45 39.40 22.38
CA ASN A 468 20.19 40.61 22.02
C ASN A 468 19.68 41.13 20.67
N ASN A 469 19.14 40.27 19.81
CA ASN A 469 18.52 40.78 18.60
C ASN A 469 19.59 41.02 17.54
N ASP A 470 20.65 40.22 17.62
CA ASP A 470 21.75 40.22 16.65
C ASP A 470 21.54 39.30 15.42
N GLY A 471 20.32 38.81 15.23
CA GLY A 471 19.98 37.99 14.07
C GLY A 471 20.33 36.51 14.20
N GLU A 472 20.80 36.11 15.39
CA GLU A 472 21.22 34.73 15.64
C GLU A 472 20.93 34.30 17.09
N VAL A 473 20.95 32.99 17.30
CA VAL A 473 20.64 32.39 18.59
C VAL A 473 21.92 31.83 19.24
N ASP A 474 22.30 32.43 20.37
CA ASP A 474 23.46 31.97 21.17
C ASP A 474 23.03 30.98 22.25
N PHE A 475 24.00 30.46 23.02
CA PHE A 475 23.71 29.43 24.03
C PHE A 475 22.89 29.91 25.26
N GLU A 476 22.55 31.18 25.36
CA GLU A 476 21.67 31.62 26.43
C GLU A 476 20.25 31.73 25.90
N GLU A 477 20.14 32.39 24.74
CA GLU A 477 18.94 32.37 23.91
C GLU A 477 18.45 30.93 23.67
N PHE A 478 19.36 30.05 23.28
CA PHE A 478 19.07 28.62 23.11
C PHE A 478 18.58 28.01 24.42
N ARG A 479 19.36 28.22 25.47
CA ARG A 479 19.11 27.60 26.77
C ARG A 479 17.71 27.89 27.30
N GLN A 480 17.31 29.17 27.23
CA GLN A 480 16.01 29.58 27.75
C GLN A 480 14.86 29.14 26.82
N MET A 481 15.12 29.14 25.50
CA MET A 481 14.17 28.61 24.52
C MET A 481 13.58 27.28 24.98
N LEU A 482 14.44 26.33 25.33
CA LEU A 482 14.00 25.00 25.73
C LEU A 482 13.55 24.96 27.19
N LEU A 483 14.25 25.72 28.03
CA LEU A 483 14.01 25.69 29.47
C LEU A 483 12.63 26.17 29.92
N LYS A 484 11.83 26.68 28.98
CA LYS A 484 10.42 26.96 29.28
C LYS A 484 9.64 25.68 29.60
N LYS B 12 9.96 1.09 -20.62
CA LYS B 12 9.39 0.81 -21.96
C LYS B 12 8.09 1.57 -22.17
N LEU B 13 7.53 1.45 -23.37
CA LEU B 13 6.32 2.15 -23.78
C LEU B 13 5.12 1.34 -23.32
N ALA B 14 4.42 1.83 -22.31
CA ALA B 14 3.37 1.05 -21.72
C ALA B 14 2.10 1.24 -22.54
N ALA B 15 1.59 0.15 -23.11
CA ALA B 15 0.33 0.19 -23.85
C ALA B 15 -0.84 0.08 -22.87
N THR B 16 -1.65 1.13 -22.81
CA THR B 16 -2.83 1.17 -21.95
C THR B 16 -4.00 1.72 -22.75
N PRO B 17 -5.21 1.22 -22.48
CA PRO B 17 -6.40 1.81 -23.07
C PRO B 17 -6.44 3.32 -22.94
N GLY B 18 -6.16 3.82 -21.74
CA GLY B 18 -6.20 5.24 -21.47
C GLY B 18 -5.39 6.10 -22.41
N MET B 19 -4.27 5.61 -22.91
CA MET B 19 -3.39 6.46 -23.72
C MET B 19 -4.09 6.86 -25.02
N PHE B 20 -5.07 6.05 -25.42
CA PHE B 20 -5.79 6.28 -26.65
C PHE B 20 -6.83 7.37 -26.57
N VAL B 21 -7.29 7.69 -25.36
CA VAL B 21 -8.20 8.84 -25.21
C VAL B 21 -7.28 10.05 -25.16
N GLN B 22 -7.23 10.78 -26.26
CA GLN B 22 -6.33 11.90 -26.36
C GLN B 22 -7.19 13.11 -26.59
N HIS B 23 -6.66 14.28 -26.26
CA HIS B 23 -7.37 15.52 -26.48
C HIS B 23 -7.44 15.77 -27.98
N SER B 24 -8.64 15.61 -28.55
CA SER B 24 -8.85 15.81 -30.00
C SER B 24 -8.76 17.29 -30.36
N THR B 25 -8.47 17.59 -31.62
CA THR B 25 -8.65 18.97 -32.11
C THR B 25 -9.53 18.98 -33.34
N ALA B 26 -10.55 18.14 -33.30
CA ALA B 26 -11.60 18.14 -34.25
C ALA B 26 -12.81 18.62 -33.45
N ALA B 27 -13.87 19.04 -34.13
CA ALA B 27 -15.08 19.49 -33.47
C ALA B 27 -15.95 18.29 -33.16
N PHE B 28 -16.44 18.19 -31.93
CA PHE B 28 -17.42 17.15 -31.60
C PHE B 28 -18.44 16.99 -32.72
N SER B 29 -19.01 18.12 -33.17
CA SER B 29 -20.07 18.17 -34.19
C SER B 29 -19.73 17.49 -35.50
N ASP B 30 -18.45 17.48 -35.84
CA ASP B 30 -18.01 16.81 -37.05
C ASP B 30 -18.14 15.30 -36.99
N ARG B 31 -18.17 14.72 -35.80
CA ARG B 31 -18.20 13.26 -35.74
C ARG B 31 -19.38 12.66 -35.00
N TYR B 32 -20.17 13.49 -34.33
CA TYR B 32 -21.31 13.00 -33.57
C TYR B 32 -22.58 13.80 -33.74
N LYS B 33 -23.67 13.12 -33.42
CA LYS B 33 -25.00 13.59 -33.66
C LYS B 33 -25.82 13.23 -32.45
N GLY B 34 -26.47 14.24 -31.86
CA GLY B 34 -27.32 14.03 -30.68
C GLY B 34 -28.58 13.31 -31.06
N GLN B 35 -29.06 12.43 -30.20
CA GLN B 35 -30.25 11.67 -30.46
C GLN B 35 -31.33 12.05 -29.48
N ARG B 36 -31.01 11.92 -28.21
CA ARG B 36 -31.93 12.29 -27.15
C ARG B 36 -31.20 12.53 -25.85
N VAL B 37 -31.92 13.07 -24.88
CA VAL B 37 -31.39 13.22 -23.57
C VAL B 37 -31.71 11.97 -22.76
N LEU B 38 -30.66 11.49 -22.09
CA LEU B 38 -30.74 10.36 -21.17
C LEU B 38 -30.92 10.91 -19.77
N GLY B 39 -30.25 12.01 -19.47
CA GLY B 39 -30.42 12.70 -18.19
C GLY B 39 -29.39 13.75 -17.86
N LYS B 40 -29.35 14.11 -16.57
CA LYS B 40 -28.35 15.04 -16.04
C LYS B 40 -27.47 14.33 -15.00
N GLY B 41 -26.20 14.72 -14.96
CA GLY B 41 -25.24 14.10 -14.08
C GLY B 41 -24.93 14.90 -12.83
N SER B 42 -23.79 14.59 -12.23
CA SER B 42 -23.26 15.35 -11.12
C SER B 42 -23.14 16.81 -11.54
N PHE B 43 -22.71 17.04 -12.79
CA PHE B 43 -22.63 18.40 -13.33
C PHE B 43 -22.57 18.50 -14.87
N GLY B 44 -23.75 18.50 -15.49
CA GLY B 44 -23.88 18.54 -16.93
C GLY B 44 -24.82 17.42 -17.28
N GLU B 45 -25.29 17.42 -18.52
CA GLU B 45 -26.24 16.40 -18.97
C GLU B 45 -25.59 15.44 -19.95
N VAL B 46 -26.17 14.24 -20.02
CA VAL B 46 -25.68 13.13 -20.87
C VAL B 46 -26.56 12.94 -22.10
N ILE B 47 -25.94 12.95 -23.26
CA ILE B 47 -26.67 12.89 -24.49
C ILE B 47 -26.25 11.68 -25.29
N LEU B 48 -27.19 10.77 -25.45
CA LEU B 48 -27.07 9.69 -26.40
C LEU B 48 -26.70 10.25 -27.77
N CYS B 49 -25.56 9.84 -28.29
CA CYS B 49 -25.12 10.31 -29.59
C CYS B 49 -24.77 9.13 -30.47
N LYS B 50 -24.63 9.41 -31.76
CA LYS B 50 -24.24 8.40 -32.75
C LYS B 50 -23.04 8.90 -33.47
N ASP B 51 -22.06 8.03 -33.68
CA ASP B 51 -20.93 8.36 -34.54
C ASP B 51 -21.55 8.56 -35.92
N LYS B 52 -21.21 9.64 -36.60
CA LYS B 52 -21.86 9.98 -37.87
C LYS B 52 -21.60 8.99 -38.98
N VAL B 53 -20.45 8.33 -38.90
CA VAL B 53 -19.99 7.44 -39.98
C VAL B 53 -20.22 5.96 -39.70
N THR B 54 -20.20 5.54 -38.44
CA THR B 54 -20.35 4.12 -38.12
C THR B 54 -21.69 3.81 -37.50
N GLY B 55 -22.46 4.86 -37.22
CA GLY B 55 -23.77 4.74 -36.59
C GLY B 55 -23.76 4.11 -35.22
N GLN B 56 -22.58 4.02 -34.59
CA GLN B 56 -22.46 3.43 -33.27
C GLN B 56 -22.97 4.41 -32.21
N GLU B 57 -23.68 3.90 -31.22
CA GLU B 57 -24.14 4.73 -30.13
C GLU B 57 -23.18 4.85 -28.89
N TYR B 58 -22.97 6.10 -28.45
CA TYR B 58 -22.27 6.36 -27.18
C TYR B 58 -23.11 7.31 -26.32
N ALA B 59 -22.78 7.40 -25.04
CA ALA B 59 -23.43 8.36 -24.17
C ALA B 59 -22.45 9.46 -23.93
N VAL B 60 -22.73 10.65 -24.39
CA VAL B 60 -21.84 11.77 -24.17
C VAL B 60 -22.30 12.63 -23.01
N LYS B 61 -21.34 13.14 -22.27
CA LYS B 61 -21.60 14.02 -21.20
C LYS B 61 -21.11 15.37 -21.66
N VAL B 62 -21.99 16.36 -21.64
CA VAL B 62 -21.61 17.70 -22.02
C VAL B 62 -21.53 18.53 -20.77
N ILE B 63 -20.56 19.43 -20.75
CA ILE B 63 -20.28 20.25 -19.60
C ILE B 63 -19.94 21.65 -20.09
N SER B 64 -20.69 22.64 -19.60
CA SER B 64 -20.48 24.02 -19.97
C SER B 64 -19.21 24.51 -19.32
N LYS B 65 -18.44 25.28 -20.05
CA LYS B 65 -17.27 25.91 -19.46
C LYS B 65 -17.68 26.96 -18.43
N ARG B 66 -18.84 27.59 -18.64
CA ARG B 66 -19.36 28.58 -17.68
C ARG B 66 -19.55 27.97 -16.27
N GLN B 67 -20.12 26.77 -16.20
CA GLN B 67 -20.22 25.95 -14.96
C GLN B 67 -20.34 26.79 -13.68
N LEU B 77 -12.86 19.41 -13.95
CA LEU B 77 -12.36 19.92 -15.24
C LEU B 77 -12.04 18.74 -16.20
N LEU B 78 -10.77 18.62 -16.62
CA LEU B 78 -10.32 17.39 -17.26
C LEU B 78 -10.35 16.20 -16.28
N LYS B 79 -10.68 16.47 -15.00
CA LYS B 79 -10.42 15.53 -13.90
C LYS B 79 -11.09 14.18 -14.11
N GLU B 80 -12.40 14.17 -14.28
CA GLU B 80 -13.12 12.94 -14.54
C GLU B 80 -12.49 12.21 -15.73
N VAL B 81 -11.89 12.94 -16.66
CA VAL B 81 -11.24 12.31 -17.79
C VAL B 81 -9.96 11.58 -17.37
N GLU B 82 -9.14 12.22 -16.52
CA GLU B 82 -7.84 11.65 -16.12
C GLU B 82 -8.02 10.41 -15.25
N LEU B 83 -9.01 10.47 -14.36
CA LEU B 83 -9.35 9.32 -13.54
C LEU B 83 -9.75 8.17 -14.44
N LEU B 84 -10.64 8.43 -15.37
CA LEU B 84 -11.18 7.33 -16.20
C LEU B 84 -10.16 6.69 -17.11
N LYS B 85 -9.17 7.44 -17.59
CA LYS B 85 -8.07 6.85 -18.35
C LYS B 85 -7.25 5.82 -17.54
N LYS B 86 -7.16 6.00 -16.23
CA LYS B 86 -6.37 5.09 -15.39
C LYS B 86 -7.18 3.87 -14.97
N LEU B 87 -8.46 3.83 -15.31
CA LEU B 87 -9.32 2.73 -14.90
C LEU B 87 -9.74 1.90 -16.09
N ASP B 88 -9.66 0.58 -15.91
CA ASP B 88 -10.04 -0.38 -16.91
C ASP B 88 -10.59 -1.53 -16.12
N HIS B 89 -11.90 -1.67 -16.10
CA HIS B 89 -12.50 -2.67 -15.26
C HIS B 89 -13.83 -3.02 -15.88
N PRO B 90 -14.22 -4.29 -15.79
CA PRO B 90 -15.45 -4.74 -16.40
C PRO B 90 -16.73 -4.18 -15.76
N ASN B 91 -16.66 -3.76 -14.51
CA ASN B 91 -17.74 -3.03 -13.84
C ASN B 91 -17.49 -1.55 -13.63
N ILE B 92 -16.64 -0.96 -14.47
CA ILE B 92 -16.51 0.49 -14.50
C ILE B 92 -16.77 1.01 -15.90
N MET B 93 -17.61 2.04 -15.98
CA MET B 93 -17.77 2.88 -17.16
C MET B 93 -16.52 3.03 -17.99
N LYS B 94 -16.66 2.97 -19.31
CA LYS B 94 -15.54 3.08 -20.23
C LYS B 94 -15.59 4.45 -20.87
N LEU B 95 -14.42 5.01 -21.14
CA LEU B 95 -14.31 6.30 -21.76
C LEU B 95 -13.62 6.15 -23.12
N TYR B 96 -14.20 6.73 -24.18
CA TYR B 96 -13.66 6.59 -25.52
C TYR B 96 -12.80 7.71 -25.94
N GLU B 97 -13.32 8.90 -25.85
CA GLU B 97 -12.54 10.06 -26.23
C GLU B 97 -13.20 11.28 -25.62
N PHE B 98 -12.57 12.41 -25.84
CA PHE B 98 -13.13 13.60 -25.31
C PHE B 98 -12.69 14.82 -26.13
N PHE B 99 -13.63 15.75 -26.19
CA PHE B 99 -13.50 16.92 -27.02
C PHE B 99 -13.67 18.12 -26.14
N GLU B 100 -12.93 19.18 -26.46
CA GLU B 100 -13.10 20.46 -25.80
C GLU B 100 -13.53 21.50 -26.82
N ASP B 101 -14.33 22.43 -26.36
CA ASP B 101 -14.94 23.43 -27.19
C ASP B 101 -14.57 24.78 -26.66
N LYS B 102 -14.93 25.81 -27.42
CA LYS B 102 -14.99 27.18 -26.89
C LYS B 102 -15.81 27.21 -25.60
N GLY B 103 -17.00 26.61 -25.61
CA GLY B 103 -17.91 26.72 -24.49
C GLY B 103 -18.10 25.46 -23.68
N TYR B 104 -17.47 24.37 -24.08
CA TYR B 104 -17.90 23.05 -23.62
C TYR B 104 -16.83 21.99 -23.55
N PHE B 105 -17.11 20.95 -22.77
CA PHE B 105 -16.35 19.70 -22.80
C PHE B 105 -17.28 18.58 -23.19
N TYR B 106 -16.77 17.61 -23.93
CA TYR B 106 -17.55 16.44 -24.26
C TYR B 106 -16.74 15.21 -23.92
N LEU B 107 -17.37 14.36 -23.10
CA LEU B 107 -16.81 13.11 -22.63
C LEU B 107 -17.60 11.96 -23.22
N VAL B 108 -17.10 11.40 -24.30
CA VAL B 108 -17.79 10.31 -24.99
C VAL B 108 -17.57 9.01 -24.25
N THR B 109 -18.65 8.32 -23.90
CA THR B 109 -18.51 7.08 -23.18
C THR B 109 -19.42 6.05 -23.71
N GLU B 110 -19.16 4.84 -23.29
CA GLU B 110 -19.91 3.71 -23.73
C GLU B 110 -21.27 3.89 -23.15
N VAL B 111 -22.31 3.46 -23.86
CA VAL B 111 -23.69 3.62 -23.39
C VAL B 111 -24.22 2.28 -22.89
N TYR B 112 -24.84 2.33 -21.71
CA TYR B 112 -25.39 1.16 -21.06
C TYR B 112 -26.89 1.29 -21.12
N THR B 113 -27.50 0.25 -21.67
CA THR B 113 -28.88 0.29 -22.10
C THR B 113 -29.86 -0.48 -21.19
N GLY B 114 -29.44 -0.88 -20.00
CA GLY B 114 -30.36 -1.47 -19.01
C GLY B 114 -30.88 -0.47 -17.98
N GLY B 115 -30.43 0.79 -18.10
CA GLY B 115 -30.86 1.84 -17.19
C GLY B 115 -30.43 1.63 -15.75
N GLU B 116 -30.97 2.46 -14.86
CA GLU B 116 -30.49 2.51 -13.48
C GLU B 116 -30.95 1.38 -12.61
N LEU B 117 -30.07 1.03 -11.68
CA LEU B 117 -30.40 0.05 -10.67
C LEU B 117 -31.56 0.58 -9.85
N PHE B 118 -31.58 1.91 -9.76
CA PHE B 118 -32.60 2.57 -9.02
C PHE B 118 -33.97 2.16 -9.50
N ASP B 119 -34.15 2.19 -10.81
CA ASP B 119 -35.45 1.89 -11.39
C ASP B 119 -35.83 0.46 -11.12
N GLU B 120 -34.85 -0.43 -11.26
CA GLU B 120 -35.14 -1.83 -11.05
C GLU B 120 -35.52 -2.01 -9.61
N ILE B 121 -34.85 -1.26 -8.72
CA ILE B 121 -35.17 -1.34 -7.30
C ILE B 121 -36.62 -0.96 -7.07
N ILE B 122 -37.06 0.15 -7.63
CA ILE B 122 -38.44 0.59 -7.41
C ILE B 122 -39.45 -0.25 -8.19
N SER B 123 -38.96 -1.23 -8.96
CA SER B 123 -39.80 -2.06 -9.82
C SER B 123 -39.98 -3.46 -9.27
N ARG B 124 -38.86 -4.14 -9.08
CA ARG B 124 -38.82 -5.47 -8.50
C ARG B 124 -38.98 -5.39 -6.99
N LYS B 125 -38.78 -4.18 -6.44
CA LYS B 125 -39.06 -3.85 -5.02
C LYS B 125 -37.98 -4.36 -4.06
N ARG B 126 -37.62 -5.63 -4.23
CA ARG B 126 -36.76 -6.31 -3.26
C ARG B 126 -35.93 -7.31 -4.05
N PHE B 127 -34.69 -7.55 -3.64
CA PHE B 127 -33.85 -8.44 -4.40
C PHE B 127 -33.59 -9.76 -3.72
N SER B 128 -33.61 -10.78 -4.55
CA SER B 128 -33.05 -12.09 -4.26
C SER B 128 -31.67 -11.92 -3.62
N GLU B 129 -31.38 -12.68 -2.57
CA GLU B 129 -30.03 -12.71 -2.02
C GLU B 129 -29.00 -13.06 -3.10
N VAL B 130 -29.37 -13.94 -4.03
CA VAL B 130 -28.49 -14.31 -5.12
C VAL B 130 -28.16 -13.10 -5.98
N ASP B 131 -29.21 -12.39 -6.38
CA ASP B 131 -29.05 -11.28 -7.31
C ASP B 131 -28.32 -10.15 -6.62
N ALA B 132 -28.63 -9.95 -5.33
CA ALA B 132 -28.01 -8.85 -4.60
C ALA B 132 -26.53 -9.14 -4.35
N ALA B 133 -26.20 -10.38 -4.05
CA ALA B 133 -24.81 -10.73 -3.85
C ALA B 133 -24.03 -10.51 -5.14
N ARG B 134 -24.60 -10.93 -6.26
CA ARG B 134 -23.92 -10.74 -7.53
C ARG B 134 -23.65 -9.27 -7.81
N ILE B 135 -24.65 -8.44 -7.58
CA ILE B 135 -24.57 -7.01 -7.88
C ILE B 135 -23.52 -6.33 -6.99
N ILE B 136 -23.60 -6.60 -5.69
CA ILE B 136 -22.70 -5.99 -4.75
C ILE B 136 -21.26 -6.43 -4.99
N ARG B 137 -21.10 -7.69 -5.36
CA ARG B 137 -19.78 -8.23 -5.69
C ARG B 137 -19.15 -7.39 -6.81
N GLN B 138 -19.92 -7.07 -7.84
CA GLN B 138 -19.38 -6.31 -8.97
C GLN B 138 -18.98 -4.93 -8.51
N VAL B 139 -19.84 -4.30 -7.70
CA VAL B 139 -19.59 -2.95 -7.19
C VAL B 139 -18.34 -2.92 -6.30
N LEU B 140 -18.30 -3.84 -5.34
CA LEU B 140 -17.12 -4.00 -4.49
C LEU B 140 -15.86 -4.27 -5.32
N SER B 141 -15.98 -5.05 -6.38
CA SER B 141 -14.86 -5.29 -7.26
C SER B 141 -14.38 -3.98 -7.93
N GLY B 142 -15.31 -3.17 -8.40
CA GLY B 142 -14.94 -1.91 -9.02
C GLY B 142 -14.15 -1.02 -8.09
N ILE B 143 -14.61 -0.95 -6.85
CA ILE B 143 -13.99 -0.03 -5.89
C ILE B 143 -12.70 -0.60 -5.30
N THR B 144 -12.63 -1.92 -5.14
CA THR B 144 -11.37 -2.55 -4.77
C THR B 144 -10.27 -2.15 -5.77
N TYR B 145 -10.58 -2.30 -7.05
CA TYR B 145 -9.71 -1.85 -8.10
C TYR B 145 -9.38 -0.36 -8.01
N MET B 146 -10.42 0.48 -7.81
CA MET B 146 -10.25 1.94 -7.74
C MET B 146 -9.36 2.32 -6.57
N HIS B 147 -9.73 1.78 -5.42
CA HIS B 147 -8.99 2.09 -4.23
C HIS B 147 -7.54 1.69 -4.45
N LYS B 148 -7.28 0.54 -5.08
CA LYS B 148 -5.90 0.17 -5.37
C LYS B 148 -5.18 1.27 -6.17
N ASN B 149 -5.90 1.91 -7.08
CA ASN B 149 -5.34 2.99 -7.90
C ASN B 149 -5.54 4.39 -7.34
N LYS B 150 -5.79 4.50 -6.05
CA LYS B 150 -5.85 5.80 -5.33
C LYS B 150 -7.04 6.68 -5.79
N ILE B 151 -8.17 6.05 -6.03
CA ILE B 151 -9.33 6.79 -6.47
C ILE B 151 -10.51 6.39 -5.62
N VAL B 152 -11.24 7.41 -5.16
CA VAL B 152 -12.45 7.21 -4.38
C VAL B 152 -13.60 7.78 -5.17
N HIS B 153 -14.75 7.10 -5.13
CA HIS B 153 -15.88 7.48 -6.00
C HIS B 153 -16.68 8.63 -5.38
N ARG B 154 -17.12 8.41 -4.14
CA ARG B 154 -17.71 9.43 -3.27
C ARG B 154 -19.19 9.66 -3.45
N ASP B 155 -19.79 9.05 -4.46
CA ASP B 155 -21.20 9.24 -4.75
C ASP B 155 -21.83 7.99 -5.34
N LEU B 156 -21.65 6.89 -4.62
CA LEU B 156 -22.21 5.61 -5.03
C LEU B 156 -23.63 5.51 -4.52
N LYS B 157 -24.54 5.14 -5.42
CA LYS B 157 -25.98 4.97 -5.17
C LYS B 157 -26.60 4.29 -6.39
N PRO B 158 -27.82 3.76 -6.27
CA PRO B 158 -28.39 3.04 -7.41
C PRO B 158 -28.48 3.88 -8.68
N GLU B 159 -28.55 5.20 -8.53
CA GLU B 159 -28.60 6.11 -9.65
C GLU B 159 -27.30 6.00 -10.46
N ASN B 160 -26.20 5.78 -9.76
CA ASN B 160 -24.91 5.74 -10.41
C ASN B 160 -24.40 4.31 -10.68
N LEU B 161 -25.34 3.37 -10.68
CA LEU B 161 -25.09 2.00 -11.12
C LEU B 161 -26.02 1.62 -12.29
N LEU B 162 -25.44 1.33 -13.45
CA LEU B 162 -26.23 0.94 -14.61
C LEU B 162 -26.07 -0.53 -14.98
N LEU B 163 -27.19 -1.10 -15.36
CA LEU B 163 -27.23 -2.40 -15.98
C LEU B 163 -26.81 -2.20 -17.43
N GLU B 164 -25.97 -3.10 -17.95
CA GLU B 164 -25.29 -2.89 -19.23
C GLU B 164 -26.27 -2.94 -20.36
N ASN B 165 -27.24 -3.82 -20.18
CA ASN B 165 -28.23 -4.10 -21.17
C ASN B 165 -29.48 -4.67 -20.50
N LYS B 166 -30.41 -5.12 -21.32
CA LYS B 166 -31.70 -5.54 -20.84
C LYS B 166 -31.74 -7.00 -20.41
N ARG B 167 -30.64 -7.73 -20.63
CA ARG B 167 -30.61 -9.16 -20.39
C ARG B 167 -30.92 -9.42 -18.93
N LYS B 168 -31.22 -10.68 -18.64
CA LYS B 168 -31.85 -11.07 -17.39
C LYS B 168 -31.07 -10.60 -16.16
N ASP B 169 -29.82 -11.05 -16.05
CA ASP B 169 -28.99 -10.78 -14.88
C ASP B 169 -27.81 -9.92 -15.33
N ALA B 170 -28.15 -8.80 -15.93
CA ALA B 170 -27.18 -7.93 -16.58
C ALA B 170 -26.06 -7.47 -15.69
N ASN B 171 -24.89 -7.34 -16.31
CA ASN B 171 -23.68 -6.83 -15.70
C ASN B 171 -23.88 -5.43 -15.19
N ILE B 172 -23.17 -5.07 -14.13
CA ILE B 172 -23.33 -3.75 -13.53
C ILE B 172 -22.15 -2.83 -13.82
N ARG B 173 -22.43 -1.60 -14.20
CA ARG B 173 -21.37 -0.60 -14.38
C ARG B 173 -21.50 0.56 -13.40
N ILE B 174 -20.38 1.03 -12.89
CA ILE B 174 -20.33 2.24 -12.05
C ILE B 174 -20.19 3.43 -13.00
N ILE B 175 -20.90 4.51 -12.75
CA ILE B 175 -20.76 5.69 -13.60
C ILE B 175 -20.57 6.96 -12.78
N ASP B 176 -20.46 8.09 -13.47
CA ASP B 176 -20.45 9.38 -12.81
C ASP B 176 -19.28 9.50 -11.89
N PHE B 177 -18.11 9.61 -12.49
CA PHE B 177 -16.90 9.88 -11.72
C PHE B 177 -16.65 11.38 -11.59
N GLY B 178 -17.72 12.16 -11.68
CA GLY B 178 -17.61 13.62 -11.72
C GLY B 178 -17.33 14.20 -10.35
N LEU B 179 -17.63 13.42 -9.31
CA LEU B 179 -17.28 13.81 -7.94
C LEU B 179 -16.15 12.98 -7.34
N SER B 180 -15.58 12.09 -8.14
CA SER B 180 -14.52 11.26 -7.64
C SER B 180 -13.22 12.03 -7.59
N THR B 181 -12.31 11.59 -6.72
CA THR B 181 -10.98 12.19 -6.65
C THR B 181 -9.91 11.21 -6.25
N HIS B 182 -8.67 11.64 -6.44
CA HIS B 182 -7.51 10.91 -5.91
C HIS B 182 -7.39 11.15 -4.43
N PHE B 183 -7.08 10.11 -3.69
CA PHE B 183 -6.89 10.25 -2.26
C PHE B 183 -5.49 9.72 -1.89
N GLU B 184 -4.93 10.22 -0.78
CA GLU B 184 -3.71 9.68 -0.19
C GLU B 184 -3.97 9.03 1.16
N SER B 185 -3.36 7.86 1.40
CA SER B 185 -3.31 7.25 2.74
C SER B 185 -2.73 8.19 3.83
N THR B 186 -1.94 9.19 3.42
CA THR B 186 -1.34 10.14 4.35
C THR B 186 -2.29 11.24 4.84
N LYS B 187 -2.90 11.96 3.91
CA LYS B 187 -3.67 13.18 4.19
C LYS B 187 -5.15 12.92 3.90
N LYS B 188 -6.03 13.28 4.83
CA LYS B 188 -7.44 12.95 4.69
C LYS B 188 -8.32 13.98 3.96
N MET B 189 -9.45 13.52 3.41
CA MET B 189 -10.35 14.39 2.64
C MET B 189 -11.34 15.11 3.53
N LYS B 190 -11.69 16.32 3.13
CA LYS B 190 -12.53 17.22 3.96
C LYS B 190 -13.86 17.65 3.28
N ASP B 191 -13.84 17.84 1.97
CA ASP B 191 -15.02 18.28 1.22
C ASP B 191 -16.19 17.33 1.39
N LYS B 192 -17.37 17.93 1.56
CA LYS B 192 -18.62 17.20 1.81
C LYS B 192 -19.28 16.88 0.51
N ILE B 193 -19.29 15.59 0.18
CA ILE B 193 -19.72 15.12 -1.11
C ILE B 193 -20.50 13.83 -0.93
N GLY B 194 -21.58 13.69 -1.69
CA GLY B 194 -22.43 12.51 -1.57
C GLY B 194 -23.91 12.86 -1.65
N THR B 195 -24.73 11.97 -1.09
CA THR B 195 -26.16 11.98 -1.24
C THR B 195 -26.75 11.44 0.06
N ALA B 196 -27.80 12.09 0.53
CA ALA B 196 -28.29 11.92 1.89
C ALA B 196 -28.35 10.46 2.35
N TYR B 197 -29.01 9.61 1.58
CA TYR B 197 -29.22 8.24 2.00
C TYR B 197 -27.90 7.49 2.15
N TYR B 198 -26.96 7.84 1.28
CA TYR B 198 -25.76 7.03 1.01
C TYR B 198 -24.47 7.57 1.64
N ILE B 199 -24.51 8.81 2.11
CA ILE B 199 -23.32 9.49 2.63
C ILE B 199 -22.89 8.92 3.99
N ALA B 200 -21.59 8.74 4.17
CA ALA B 200 -21.05 8.16 5.39
C ALA B 200 -20.92 9.26 6.42
N PRO B 201 -21.10 8.90 7.70
CA PRO B 201 -21.05 9.92 8.74
C PRO B 201 -19.78 10.74 8.68
N GLU B 202 -18.64 10.14 8.36
CA GLU B 202 -17.38 10.87 8.43
C GLU B 202 -17.25 11.96 7.35
N VAL B 203 -17.97 11.79 6.25
CA VAL B 203 -17.99 12.84 5.24
C VAL B 203 -18.77 14.06 5.78
N LEU B 204 -19.78 13.81 6.61
CA LEU B 204 -20.50 14.90 7.24
C LEU B 204 -19.61 15.58 8.27
N HIS B 205 -18.83 14.79 9.00
CA HIS B 205 -17.92 15.31 10.01
C HIS B 205 -16.79 16.14 9.46
N GLY B 206 -16.32 15.82 8.27
CA GLY B 206 -15.35 16.67 7.60
C GLY B 206 -13.99 16.02 7.42
N THR B 207 -13.87 14.76 7.82
CA THR B 207 -12.60 14.05 7.66
C THR B 207 -12.82 12.58 7.29
N TYR B 208 -12.45 12.21 6.08
CA TYR B 208 -12.73 10.88 5.63
C TYR B 208 -11.70 10.32 4.67
N ASP B 209 -11.78 9.01 4.47
CA ASP B 209 -10.94 8.28 3.51
C ASP B 209 -11.80 7.38 2.59
N GLU B 210 -11.14 6.48 1.85
CA GLU B 210 -11.85 5.64 0.88
C GLU B 210 -12.92 4.72 1.47
N LYS B 211 -12.90 4.50 2.78
CA LYS B 211 -13.94 3.69 3.40
C LYS B 211 -15.35 4.26 3.24
N CYS B 212 -15.49 5.57 2.99
CA CYS B 212 -16.81 6.14 2.69
C CYS B 212 -17.53 5.35 1.58
N ASP B 213 -16.78 4.99 0.52
CA ASP B 213 -17.31 4.17 -0.59
C ASP B 213 -17.91 2.84 -0.08
N VAL B 214 -17.31 2.28 0.96
CA VAL B 214 -17.80 1.01 1.51
C VAL B 214 -19.16 1.25 2.16
N TRP B 215 -19.21 2.26 3.03
CA TRP B 215 -20.43 2.66 3.72
C TRP B 215 -21.57 2.79 2.74
N SER B 216 -21.35 3.60 1.71
CA SER B 216 -22.36 3.78 0.68
C SER B 216 -22.83 2.44 0.08
N THR B 217 -21.87 1.60 -0.31
CA THR B 217 -22.19 0.30 -0.91
C THR B 217 -22.97 -0.54 0.09
N GLY B 218 -22.67 -0.39 1.37
CA GLY B 218 -23.42 -1.06 2.42
C GLY B 218 -24.86 -0.57 2.47
N VAL B 219 -25.06 0.73 2.26
CA VAL B 219 -26.40 1.30 2.23
C VAL B 219 -27.13 0.72 1.03
N ILE B 220 -26.45 0.73 -0.10
CA ILE B 220 -27.04 0.18 -1.29
C ILE B 220 -27.48 -1.26 -1.00
N LEU B 221 -26.61 -2.05 -0.40
CA LEU B 221 -26.91 -3.47 -0.16
C LEU B 221 -28.18 -3.64 0.67
N TYR B 222 -28.31 -2.79 1.66
CA TYR B 222 -29.43 -2.83 2.60
C TYR B 222 -30.73 -2.66 1.83
N ILE B 223 -30.73 -1.66 0.95
CA ILE B 223 -31.88 -1.32 0.10
C ILE B 223 -32.22 -2.48 -0.84
N LEU B 224 -31.20 -3.06 -1.45
CA LEU B 224 -31.40 -4.14 -2.39
C LEU B 224 -32.12 -5.29 -1.73
N LEU B 225 -31.69 -5.63 -0.53
CA LEU B 225 -32.27 -6.77 0.16
C LEU B 225 -33.62 -6.50 0.81
N SER B 226 -33.85 -5.28 1.32
CA SER B 226 -35.10 -4.97 2.05
C SER B 226 -36.08 -4.10 1.29
N GLY B 227 -35.59 -3.38 0.28
CA GLY B 227 -36.40 -2.39 -0.42
C GLY B 227 -36.42 -1.01 0.22
N CYS B 228 -35.90 -0.88 1.45
CA CYS B 228 -35.91 0.42 2.14
C CYS B 228 -34.51 0.87 2.50
N PRO B 229 -34.28 2.19 2.57
CA PRO B 229 -32.99 2.65 3.07
C PRO B 229 -32.85 2.40 4.57
N PRO B 230 -31.61 2.29 5.06
CA PRO B 230 -31.40 2.05 6.49
C PRO B 230 -31.52 3.29 7.36
N PHE B 231 -31.29 4.47 6.76
CA PHE B 231 -31.52 5.75 7.45
C PHE B 231 -32.50 6.59 6.65
N ASN B 232 -33.59 6.99 7.28
CA ASN B 232 -34.66 7.63 6.57
C ASN B 232 -35.22 8.77 7.35
N GLY B 233 -35.93 9.64 6.64
CA GLY B 233 -36.50 10.82 7.23
C GLY B 233 -37.48 11.52 6.33
N ALA B 234 -38.27 12.38 6.96
CA ALA B 234 -39.24 13.21 6.27
C ALA B 234 -38.63 14.06 5.16
N ASN B 235 -37.37 14.47 5.32
CA ASN B 235 -36.71 15.34 4.34
C ASN B 235 -35.19 15.18 4.42
N GLU B 236 -34.44 15.95 3.62
CA GLU B 236 -32.97 15.77 3.58
C GLU B 236 -32.38 15.89 4.96
N PHE B 237 -32.73 16.98 5.63
CA PHE B 237 -32.17 17.28 6.93
C PHE B 237 -32.40 16.16 7.92
N ASP B 238 -33.64 15.70 8.07
CA ASP B 238 -33.96 14.58 8.96
C ASP B 238 -33.10 13.37 8.70
N ILE B 239 -32.84 13.10 7.43
CA ILE B 239 -32.11 11.92 7.04
C ILE B 239 -30.68 12.05 7.49
N LEU B 240 -30.06 13.20 7.25
CA LEU B 240 -28.65 13.40 7.60
C LEU B 240 -28.38 13.29 9.11
N LYS B 241 -29.34 13.69 9.93
CA LYS B 241 -29.21 13.52 11.37
C LYS B 241 -29.24 12.06 11.72
N LYS B 242 -30.21 11.34 11.16
CA LYS B 242 -30.32 9.90 11.35
C LYS B 242 -29.01 9.20 10.92
N VAL B 243 -28.47 9.64 9.79
CA VAL B 243 -27.27 9.07 9.25
C VAL B 243 -26.10 9.30 10.20
N GLU B 244 -25.88 10.56 10.56
CA GLU B 244 -24.79 10.96 11.47
C GLU B 244 -24.84 10.28 12.83
N LYS B 245 -26.03 9.85 13.28
CA LYS B 245 -26.14 9.06 14.50
C LYS B 245 -25.73 7.62 14.23
N GLY B 246 -25.88 7.18 13.00
CA GLY B 246 -25.35 5.88 12.57
C GLY B 246 -26.22 4.68 12.86
N LYS B 247 -27.31 4.87 13.61
CA LYS B 247 -28.11 3.73 14.07
C LYS B 247 -29.10 3.27 13.01
N PHE B 248 -29.08 1.97 12.75
CA PHE B 248 -29.99 1.32 11.86
C PHE B 248 -30.37 0.01 12.51
N THR B 249 -31.42 -0.63 12.00
CA THR B 249 -31.96 -1.82 12.63
C THR B 249 -32.34 -2.85 11.58
N PHE B 250 -32.47 -4.11 12.00
CA PHE B 250 -32.99 -5.15 11.11
C PHE B 250 -34.36 -5.59 11.61
N ASP B 251 -35.09 -4.63 12.16
CA ASP B 251 -36.36 -4.86 12.84
C ASP B 251 -37.53 -5.17 11.92
N LEU B 252 -37.39 -4.87 10.64
CA LEU B 252 -38.52 -4.93 9.73
C LEU B 252 -38.86 -6.37 9.32
N PRO B 253 -40.14 -6.62 9.02
CA PRO B 253 -40.57 -8.00 8.74
C PRO B 253 -39.85 -8.68 7.56
N GLN B 254 -39.58 -7.94 6.49
CA GLN B 254 -38.87 -8.51 5.35
C GLN B 254 -37.48 -9.04 5.70
N TRP B 255 -36.88 -8.57 6.80
CA TRP B 255 -35.56 -9.09 7.22
C TRP B 255 -35.60 -10.51 7.76
N LYS B 256 -36.78 -10.97 8.15
CA LYS B 256 -36.95 -12.34 8.64
C LYS B 256 -36.59 -13.36 7.54
N LYS B 257 -36.83 -12.98 6.28
CA LYS B 257 -36.44 -13.84 5.17
C LYS B 257 -34.92 -13.84 4.92
N VAL B 258 -34.15 -12.85 5.38
CA VAL B 258 -32.74 -12.73 4.97
C VAL B 258 -31.77 -13.45 5.91
N SER B 259 -30.70 -14.02 5.34
CA SER B 259 -29.72 -14.84 6.08
C SER B 259 -28.81 -14.00 6.94
N GLU B 260 -28.28 -14.61 8.01
CA GLU B 260 -27.45 -13.89 8.97
C GLU B 260 -26.16 -13.35 8.34
N PRO B 261 -25.50 -14.15 7.51
CA PRO B 261 -24.27 -13.61 6.95
C PRO B 261 -24.47 -12.32 6.18
N ALA B 262 -25.59 -12.21 5.47
CA ALA B 262 -25.90 -10.99 4.73
C ALA B 262 -25.96 -9.83 5.70
N LYS B 263 -26.61 -10.05 6.83
CA LYS B 263 -26.70 -8.98 7.80
C LYS B 263 -25.32 -8.70 8.36
N ASP B 264 -24.55 -9.76 8.57
CA ASP B 264 -23.22 -9.61 9.08
C ASP B 264 -22.36 -8.74 8.18
N LEU B 265 -22.42 -8.99 6.89
CA LEU B 265 -21.66 -8.19 5.94
C LEU B 265 -22.12 -6.75 6.03
N ILE B 266 -23.43 -6.56 6.10
CA ILE B 266 -23.98 -5.23 6.24
C ILE B 266 -23.44 -4.51 7.46
N ARG B 267 -23.44 -5.17 8.60
CA ARG B 267 -22.88 -4.60 9.82
C ARG B 267 -21.44 -4.13 9.62
N LYS B 268 -20.63 -5.00 9.04
CA LYS B 268 -19.22 -4.70 8.79
C LYS B 268 -19.00 -3.53 7.83
N MET B 269 -19.89 -3.40 6.84
CA MET B 269 -19.77 -2.34 5.86
C MET B 269 -20.28 -1.00 6.41
N LEU B 270 -21.25 -1.04 7.33
CA LEU B 270 -21.79 0.17 7.94
C LEU B 270 -21.33 0.35 9.39
N ALA B 271 -20.17 -0.21 9.73
CA ALA B 271 -19.57 0.03 11.03
C ALA B 271 -19.30 1.52 11.17
N TYR B 272 -19.72 2.12 12.27
CA TYR B 272 -19.64 3.55 12.38
C TYR B 272 -18.22 4.05 12.11
N VAL B 273 -17.26 3.50 12.84
CA VAL B 273 -15.89 3.99 12.88
C VAL B 273 -15.12 3.54 11.66
N PRO B 274 -14.60 4.48 10.86
CA PRO B 274 -13.97 4.01 9.61
C PRO B 274 -12.93 2.92 9.78
N THR B 275 -12.07 3.09 10.76
CA THR B 275 -10.99 2.20 11.05
C THR B 275 -11.46 0.80 11.46
N MET B 276 -12.68 0.68 11.98
CA MET B 276 -13.25 -0.63 12.29
C MET B 276 -14.15 -1.15 11.17
N ARG B 277 -14.27 -0.41 10.08
CA ARG B 277 -15.13 -0.81 8.99
C ARG B 277 -14.30 -1.60 8.02
N ILE B 278 -14.92 -2.61 7.41
CA ILE B 278 -14.25 -3.49 6.44
C ILE B 278 -13.78 -2.75 5.18
N SER B 279 -12.63 -3.16 4.65
CA SER B 279 -12.13 -2.58 3.41
C SER B 279 -12.89 -3.23 2.24
N ALA B 280 -12.85 -2.63 1.05
CA ALA B 280 -13.54 -3.23 -0.10
C ALA B 280 -12.90 -4.56 -0.40
N ARG B 281 -11.59 -4.51 -0.49
CA ARG B 281 -10.81 -5.69 -0.79
C ARG B 281 -11.18 -6.84 0.12
N ASP B 282 -11.34 -6.60 1.41
CA ASP B 282 -11.66 -7.68 2.33
C ASP B 282 -13.11 -8.11 2.23
N ALA B 283 -13.99 -7.16 1.90
CA ALA B 283 -15.43 -7.41 1.79
C ALA B 283 -15.71 -8.47 0.73
N LEU B 284 -14.96 -8.40 -0.38
CA LEU B 284 -15.01 -9.44 -1.43
C LEU B 284 -14.84 -10.85 -0.92
N GLU B 285 -14.06 -11.03 0.14
CA GLU B 285 -13.76 -12.35 0.64
C GLU B 285 -14.86 -12.81 1.61
N HIS B 286 -15.83 -11.96 1.93
CA HIS B 286 -16.85 -12.33 2.90
C HIS B 286 -17.60 -13.58 2.41
N GLU B 287 -17.97 -14.40 3.39
CA GLU B 287 -18.74 -15.63 3.18
C GLU B 287 -19.93 -15.44 2.25
N TRP B 288 -20.78 -14.49 2.56
CA TRP B 288 -22.02 -14.30 1.83
C TRP B 288 -21.88 -14.10 0.34
N LEU B 289 -20.95 -13.26 -0.10
CA LEU B 289 -20.75 -13.08 -1.52
C LEU B 289 -20.32 -14.41 -2.20
N LYS B 290 -19.35 -15.10 -1.60
CA LYS B 290 -18.81 -16.34 -2.22
C LYS B 290 -19.80 -17.48 -2.20
N THR B 291 -20.41 -17.71 -1.05
CA THR B 291 -21.44 -18.73 -0.95
C THR B 291 -22.57 -18.47 -1.92
N THR B 292 -23.00 -17.21 -2.00
CA THR B 292 -24.09 -16.90 -2.89
C THR B 292 -23.54 -16.98 -4.32
N ASP B 293 -24.17 -17.80 -5.16
CA ASP B 293 -23.69 -18.00 -6.55
C ASP B 293 -24.65 -18.89 -7.30
N ASP B 297 -24.96 -20.06 -12.22
CA ASP B 297 -24.28 -19.36 -13.32
C ASP B 297 -23.03 -20.13 -13.73
N SER B 298 -23.01 -20.65 -14.97
CA SER B 298 -21.85 -21.42 -15.45
C SER B 298 -21.57 -21.17 -16.94
N ILE B 299 -20.50 -21.76 -17.47
CA ILE B 299 -19.98 -21.44 -18.81
C ILE B 299 -19.94 -22.70 -19.68
N ASP B 300 -20.06 -22.56 -21.01
CA ASP B 300 -19.86 -23.72 -21.90
C ASP B 300 -18.41 -24.01 -21.79
N VAL B 301 -18.07 -25.28 -21.88
CA VAL B 301 -16.67 -25.67 -21.96
C VAL B 301 -16.06 -25.10 -23.25
N PRO B 302 -16.77 -25.20 -24.39
CA PRO B 302 -16.12 -24.77 -25.65
C PRO B 302 -15.74 -23.33 -25.63
N SER B 303 -16.65 -22.48 -25.19
CA SER B 303 -16.35 -21.05 -25.10
C SER B 303 -15.13 -20.79 -24.21
N LEU B 304 -15.08 -21.47 -23.06
CA LEU B 304 -13.96 -21.33 -22.12
C LEU B 304 -12.70 -21.87 -22.78
N GLU B 305 -12.83 -22.98 -23.47
CA GLU B 305 -11.69 -23.55 -24.09
C GLU B 305 -11.12 -22.63 -25.15
N SER B 306 -12.00 -22.00 -25.94
CA SER B 306 -11.58 -21.10 -27.02
C SER B 306 -10.76 -19.97 -26.48
N THR B 307 -11.32 -19.38 -25.45
CA THR B 307 -10.72 -18.29 -24.73
C THR B 307 -9.32 -18.69 -24.19
N ILE B 308 -9.27 -19.76 -23.42
CA ILE B 308 -8.03 -20.22 -22.86
C ILE B 308 -7.04 -20.47 -23.99
N LEU B 309 -7.50 -21.03 -25.11
CA LEU B 309 -6.59 -21.38 -26.19
C LEU B 309 -6.08 -20.14 -26.90
N ASN B 310 -6.97 -19.19 -27.16
CA ASN B 310 -6.56 -17.91 -27.73
C ASN B 310 -5.52 -17.18 -26.86
N ILE B 311 -5.65 -17.27 -25.53
CA ILE B 311 -4.71 -16.59 -24.64
C ILE B 311 -3.34 -17.24 -24.70
N ARG B 312 -3.32 -18.56 -24.67
CA ARG B 312 -2.09 -19.34 -24.75
C ARG B 312 -1.31 -19.06 -26.02
N GLN B 313 -2.04 -18.87 -27.12
CA GLN B 313 -1.44 -18.71 -28.43
C GLN B 313 -1.07 -17.28 -28.82
N PHE B 314 -1.38 -16.29 -27.97
CA PHE B 314 -0.97 -14.94 -28.24
C PHE B 314 0.54 -14.88 -28.11
N GLN B 315 1.19 -14.45 -29.18
CA GLN B 315 2.64 -14.36 -29.19
C GLN B 315 2.89 -12.88 -29.15
N GLY B 316 3.84 -12.47 -28.30
CA GLY B 316 4.20 -11.06 -28.11
C GLY B 316 4.70 -10.52 -29.41
N THR B 317 4.85 -9.21 -29.52
CA THR B 317 5.20 -8.64 -30.80
C THR B 317 5.73 -7.24 -30.70
N GLN B 318 6.00 -6.63 -31.84
CA GLN B 318 6.47 -5.25 -31.87
C GLN B 318 5.36 -4.28 -31.46
N LYS B 319 5.76 -3.05 -31.14
CA LYS B 319 4.89 -2.15 -30.42
C LYS B 319 3.77 -1.60 -31.28
N LEU B 320 4.03 -1.39 -32.57
CA LEU B 320 2.96 -0.95 -33.47
C LEU B 320 1.80 -1.93 -33.38
N ALA B 321 2.07 -3.22 -33.49
CA ALA B 321 1.01 -4.23 -33.41
C ALA B 321 0.35 -4.22 -32.05
N ALA B 322 1.14 -4.05 -31.00
CA ALA B 322 0.58 -4.04 -29.64
C ALA B 322 -0.47 -2.93 -29.52
N ALA B 323 -0.07 -1.72 -29.89
CA ALA B 323 -0.96 -0.60 -29.76
C ALA B 323 -2.24 -0.87 -30.57
N ALA B 324 -2.03 -1.37 -31.79
CA ALA B 324 -3.13 -1.67 -32.69
C ALA B 324 -4.10 -2.66 -32.09
N LEU B 325 -3.60 -3.74 -31.52
CA LEU B 325 -4.49 -4.75 -30.98
C LEU B 325 -5.21 -4.22 -29.78
N LEU B 326 -4.48 -3.53 -28.90
CA LEU B 326 -5.08 -3.02 -27.70
C LEU B 326 -6.12 -1.97 -28.03
N TYR B 327 -5.81 -1.13 -29.02
CA TYR B 327 -6.78 -0.16 -29.49
C TYR B 327 -8.06 -0.83 -29.94
N MET B 328 -7.93 -1.85 -30.76
CA MET B 328 -9.07 -2.50 -31.31
C MET B 328 -9.85 -3.18 -30.20
N GLY B 329 -9.12 -3.85 -29.30
CA GLY B 329 -9.76 -4.58 -28.22
C GLY B 329 -10.40 -3.67 -27.21
N SER B 330 -9.77 -2.55 -26.90
CA SER B 330 -10.25 -1.73 -25.78
C SER B 330 -11.24 -0.65 -26.23
N LYS B 331 -11.07 -0.11 -27.43
CA LYS B 331 -11.91 1.01 -27.92
C LYS B 331 -12.88 0.67 -29.05
N LEU B 332 -12.65 -0.41 -29.78
CA LEU B 332 -13.45 -0.69 -30.94
C LEU B 332 -14.35 -1.90 -30.82
N THR B 333 -14.56 -2.40 -29.62
CA THR B 333 -15.41 -3.57 -29.44
C THR B 333 -16.63 -3.17 -28.69
N THR B 334 -17.77 -3.70 -29.10
CA THR B 334 -19.02 -3.30 -28.50
C THR B 334 -19.27 -4.18 -27.32
N ASN B 335 -20.24 -3.80 -26.50
CA ASN B 335 -20.64 -4.62 -25.38
C ASN B 335 -21.19 -5.97 -25.73
N GLU B 336 -21.98 -6.02 -26.81
CA GLU B 336 -22.57 -7.27 -27.27
C GLU B 336 -21.45 -8.27 -27.53
N GLU B 337 -20.37 -7.78 -28.12
CA GLU B 337 -19.25 -8.64 -28.48
C GLU B 337 -18.44 -9.16 -27.29
N THR B 338 -18.45 -8.44 -26.19
CA THR B 338 -17.68 -8.85 -25.05
C THR B 338 -18.49 -9.40 -23.86
N VAL B 339 -19.78 -9.70 -24.00
CA VAL B 339 -20.54 -10.13 -22.82
C VAL B 339 -20.03 -11.48 -22.35
N GLU B 340 -19.71 -12.38 -23.26
CA GLU B 340 -19.21 -13.67 -22.80
C GLU B 340 -17.80 -13.54 -22.20
N LEU B 341 -16.96 -12.78 -22.89
CA LEU B 341 -15.60 -12.54 -22.39
C LEU B 341 -15.62 -11.91 -21.02
N ASN B 342 -16.63 -11.07 -20.77
CA ASN B 342 -16.79 -10.39 -19.50
C ASN B 342 -17.12 -11.35 -18.38
N LYS B 343 -18.01 -12.31 -18.60
CA LYS B 343 -18.27 -13.33 -17.58
C LYS B 343 -17.02 -14.14 -17.25
N ILE B 344 -16.33 -14.60 -18.29
CA ILE B 344 -15.16 -15.45 -18.09
C ILE B 344 -14.16 -14.76 -17.18
N PHE B 345 -13.87 -13.51 -17.44
CA PHE B 345 -12.88 -12.74 -16.68
C PHE B 345 -13.21 -12.69 -15.19
N GLN B 346 -14.48 -12.50 -14.90
CA GLN B 346 -14.93 -12.36 -13.54
C GLN B 346 -14.84 -13.67 -12.80
N ARG B 347 -15.02 -14.76 -13.54
CA ARG B 347 -14.97 -16.06 -12.92
C ARG B 347 -13.50 -16.49 -12.74
N MET B 348 -12.63 -16.14 -13.70
CA MET B 348 -11.20 -16.36 -13.55
C MET B 348 -10.58 -15.45 -12.48
N ASP B 349 -11.22 -14.33 -12.19
CA ASP B 349 -10.78 -13.44 -11.10
C ASP B 349 -11.42 -13.83 -9.75
N LYS B 350 -10.83 -14.85 -9.13
CA LYS B 350 -11.36 -15.43 -7.91
C LYS B 350 -11.48 -14.42 -6.82
N ASN B 351 -10.49 -13.55 -6.68
CA ASN B 351 -10.48 -12.62 -5.58
C ASN B 351 -11.19 -11.31 -5.89
N GLY B 352 -11.80 -11.20 -7.07
CA GLY B 352 -12.64 -10.04 -7.40
C GLY B 352 -11.94 -8.73 -7.74
N ASP B 353 -10.65 -8.61 -7.51
CA ASP B 353 -9.98 -7.29 -7.60
C ASP B 353 -9.90 -6.64 -8.99
N GLY B 354 -10.50 -7.25 -10.00
CA GLY B 354 -10.42 -6.70 -11.35
C GLY B 354 -9.07 -6.83 -12.08
N GLN B 355 -8.21 -7.72 -11.59
CA GLN B 355 -6.93 -8.05 -12.21
C GLN B 355 -6.78 -9.54 -12.16
N LEU B 356 -6.22 -10.11 -13.23
CA LEU B 356 -5.82 -11.49 -13.22
C LEU B 356 -4.37 -11.50 -12.87
N ASP B 357 -4.02 -12.35 -11.92
CA ASP B 357 -2.63 -12.55 -11.55
C ASP B 357 -2.18 -13.95 -11.92
N LYS B 358 -0.88 -14.16 -11.85
CA LYS B 358 -0.30 -15.45 -12.18
C LYS B 358 -1.07 -16.60 -11.52
N GLN B 359 -1.36 -16.51 -10.22
CA GLN B 359 -1.99 -17.62 -9.50
C GLN B 359 -3.41 -17.85 -9.96
N GLU B 360 -4.10 -16.76 -10.27
CA GLU B 360 -5.47 -16.83 -10.75
C GLU B 360 -5.47 -17.54 -12.07
N LEU B 361 -4.48 -17.19 -12.90
CA LEU B 361 -4.33 -17.75 -14.25
C LEU B 361 -4.04 -19.23 -14.21
N MET B 362 -3.23 -19.63 -13.24
CA MET B 362 -2.88 -21.00 -13.05
C MET B 362 -4.09 -21.85 -12.71
N GLU B 363 -4.89 -21.36 -11.78
CA GLU B 363 -6.12 -22.07 -11.38
C GLU B 363 -7.16 -22.13 -12.50
N GLY B 364 -7.12 -21.17 -13.42
CA GLY B 364 -8.03 -21.16 -14.55
C GLY B 364 -7.80 -22.39 -15.39
N TYR B 365 -6.56 -22.56 -15.80
CA TYR B 365 -6.18 -23.70 -16.59
C TYR B 365 -6.48 -25.00 -15.85
N VAL B 366 -6.20 -25.05 -14.56
CA VAL B 366 -6.50 -26.23 -13.77
C VAL B 366 -8.03 -26.48 -13.82
N GLU B 367 -8.79 -25.45 -13.44
CA GLU B 367 -10.25 -25.46 -13.47
C GLU B 367 -10.74 -26.07 -14.78
N LEU B 368 -10.16 -25.62 -15.89
CA LEU B 368 -10.53 -26.18 -17.19
C LEU B 368 -10.13 -27.63 -17.34
N MET B 369 -8.96 -27.96 -16.80
CA MET B 369 -8.45 -29.31 -16.84
C MET B 369 -9.37 -30.29 -16.11
N LYS B 370 -9.93 -29.89 -14.97
CA LYS B 370 -10.93 -30.73 -14.32
C LYS B 370 -12.09 -30.93 -15.27
N LEU B 371 -12.58 -29.83 -15.86
CA LEU B 371 -13.71 -29.87 -16.80
C LEU B 371 -13.47 -30.84 -17.97
N LYS B 372 -12.20 -31.10 -18.28
CA LYS B 372 -11.79 -32.03 -19.32
C LYS B 372 -11.46 -33.44 -18.82
N GLY B 373 -11.66 -33.69 -17.53
CA GLY B 373 -11.38 -34.99 -16.94
C GLY B 373 -9.92 -35.25 -16.60
N GLU B 374 -9.00 -34.41 -17.07
CA GLU B 374 -7.58 -34.52 -16.68
C GLU B 374 -7.52 -34.73 -15.19
N ASP B 375 -6.46 -35.38 -14.71
CA ASP B 375 -6.27 -35.50 -13.28
C ASP B 375 -5.49 -34.36 -12.70
N VAL B 376 -6.03 -33.80 -11.62
CA VAL B 376 -5.40 -32.71 -10.91
C VAL B 376 -4.07 -33.10 -10.29
N SER B 377 -4.04 -34.28 -9.69
CA SER B 377 -2.82 -34.80 -9.06
C SER B 377 -1.67 -34.90 -10.05
N ALA B 378 -1.98 -35.45 -11.21
CA ALA B 378 -0.97 -35.72 -12.22
C ALA B 378 -0.72 -34.46 -13.05
N LEU B 379 -0.06 -33.48 -12.45
CA LEU B 379 0.19 -32.24 -13.14
C LEU B 379 1.49 -31.63 -12.69
N ASP B 380 2.29 -31.23 -13.66
CA ASP B 380 3.53 -30.56 -13.35
C ASP B 380 3.18 -29.11 -13.02
N GLN B 381 2.81 -28.90 -11.77
CA GLN B 381 2.50 -27.57 -11.24
C GLN B 381 3.50 -26.52 -11.70
N SER B 382 4.78 -26.83 -11.61
CA SER B 382 5.85 -25.90 -11.99
C SER B 382 5.93 -25.70 -13.50
N ALA B 383 5.61 -26.74 -14.27
CA ALA B 383 5.59 -26.61 -15.72
C ALA B 383 4.50 -25.64 -16.15
N ILE B 384 3.33 -25.81 -15.59
CA ILE B 384 2.21 -24.91 -15.86
C ILE B 384 2.55 -23.48 -15.43
N GLU B 385 3.06 -23.35 -14.20
CA GLU B 385 3.38 -22.05 -13.59
C GLU B 385 4.38 -21.32 -14.47
N PHE B 386 5.29 -22.09 -15.08
CA PHE B 386 6.25 -21.56 -16.04
C PHE B 386 5.55 -21.08 -17.31
N GLU B 387 4.59 -21.88 -17.78
CA GLU B 387 3.84 -21.60 -19.02
C GLU B 387 2.98 -20.35 -18.78
N VAL B 388 2.47 -20.23 -17.56
CA VAL B 388 1.72 -19.05 -17.18
C VAL B 388 2.59 -17.80 -17.07
N GLU B 389 3.83 -17.93 -16.62
CA GLU B 389 4.69 -16.73 -16.53
C GLU B 389 4.86 -16.12 -17.91
N GLN B 390 4.85 -16.98 -18.93
CA GLN B 390 5.19 -16.55 -20.29
C GLN B 390 3.98 -15.98 -21.00
N VAL B 391 2.79 -16.54 -20.74
CA VAL B 391 1.50 -15.92 -21.16
C VAL B 391 1.37 -14.48 -20.64
N LEU B 392 1.52 -14.35 -19.33
CA LEU B 392 1.54 -13.05 -18.67
C LEU B 392 2.50 -12.12 -19.39
N ASP B 393 3.68 -12.62 -19.71
CA ASP B 393 4.66 -11.75 -20.31
C ASP B 393 4.16 -11.25 -21.63
N ALA B 394 3.50 -12.13 -22.37
CA ALA B 394 3.04 -11.81 -23.73
C ALA B 394 1.90 -10.81 -23.70
N VAL B 395 0.95 -11.10 -22.84
CA VAL B 395 -0.30 -10.42 -22.78
C VAL B 395 -0.30 -9.10 -21.99
N ASP B 396 0.51 -9.02 -20.93
CA ASP B 396 0.51 -7.84 -20.03
C ASP B 396 1.06 -6.61 -20.77
N PHE B 397 0.19 -6.01 -21.56
CA PHE B 397 0.55 -4.89 -22.43
C PHE B 397 1.31 -3.75 -21.73
N ASP B 398 0.93 -3.42 -20.50
CA ASP B 398 1.59 -2.28 -19.80
C ASP B 398 2.66 -2.68 -18.79
N LYS B 399 2.94 -3.99 -18.70
CA LYS B 399 4.01 -4.51 -17.87
C LYS B 399 3.86 -4.14 -16.39
N ASN B 400 2.62 -4.22 -15.92
CA ASN B 400 2.33 -3.94 -14.53
C ASN B 400 2.20 -5.25 -13.75
N GLY B 401 2.55 -6.37 -14.39
CA GLY B 401 2.47 -7.67 -13.77
C GLY B 401 1.06 -8.25 -13.61
N PHE B 402 0.06 -7.63 -14.23
CA PHE B 402 -1.32 -8.08 -14.08
C PHE B 402 -2.00 -8.02 -15.42
N ILE B 403 -2.92 -8.94 -15.66
CA ILE B 403 -3.73 -8.89 -16.86
C ILE B 403 -5.05 -8.22 -16.56
N GLU B 404 -5.21 -7.02 -17.09
CA GLU B 404 -6.44 -6.23 -16.91
C GLU B 404 -7.49 -6.58 -17.98
N TYR B 405 -8.72 -6.12 -17.76
CA TYR B 405 -9.85 -6.53 -18.59
C TYR B 405 -9.66 -6.31 -20.07
N SER B 406 -9.23 -5.12 -20.45
CA SER B 406 -9.08 -4.82 -21.86
C SER B 406 -7.90 -5.57 -22.49
N GLU B 407 -6.86 -5.81 -21.70
CA GLU B 407 -5.72 -6.63 -22.12
C GLU B 407 -6.25 -8.02 -22.40
N PHE B 408 -7.07 -8.51 -21.48
CA PHE B 408 -7.69 -9.82 -21.63
C PHE B 408 -8.56 -9.89 -22.88
N VAL B 409 -9.46 -8.93 -23.05
CA VAL B 409 -10.33 -8.96 -24.19
C VAL B 409 -9.51 -9.01 -25.45
N THR B 410 -8.53 -8.12 -25.59
CA THR B 410 -7.82 -7.98 -26.85
C THR B 410 -7.25 -9.32 -27.32
N VAL B 411 -6.77 -10.04 -26.33
CA VAL B 411 -5.97 -11.24 -26.47
C VAL B 411 -6.89 -12.45 -26.58
N ALA B 412 -7.96 -12.47 -25.78
CA ALA B 412 -8.83 -13.65 -25.65
C ALA B 412 -9.93 -13.72 -26.72
N MET B 413 -10.29 -12.58 -27.29
CA MET B 413 -11.28 -12.55 -28.36
C MET B 413 -10.71 -13.27 -29.58
N ASP B 414 -11.59 -13.96 -30.31
CA ASP B 414 -11.23 -14.68 -31.52
C ASP B 414 -10.63 -13.70 -32.51
N ARG B 415 -9.43 -14.00 -32.98
CA ARG B 415 -8.62 -13.04 -33.72
C ARG B 415 -9.29 -12.63 -35.04
N LYS B 416 -10.06 -13.51 -35.66
CA LYS B 416 -10.79 -13.14 -36.90
C LYS B 416 -11.99 -12.25 -36.58
N THR B 417 -12.66 -12.51 -35.46
CA THR B 417 -13.70 -11.62 -34.97
C THR B 417 -13.14 -10.25 -34.62
N LEU B 418 -12.04 -10.20 -33.89
CA LEU B 418 -11.44 -8.94 -33.52
C LEU B 418 -10.93 -8.21 -34.75
N LEU B 419 -10.12 -8.91 -35.54
CA LEU B 419 -9.56 -8.36 -36.76
C LEU B 419 -10.57 -8.52 -37.91
N SER B 420 -11.80 -8.07 -37.65
CA SER B 420 -12.78 -7.87 -38.69
C SER B 420 -12.17 -6.83 -39.65
N ARG B 421 -12.58 -6.86 -40.91
CA ARG B 421 -12.00 -5.97 -41.94
C ARG B 421 -12.30 -4.48 -41.64
N GLN B 422 -13.48 -4.22 -41.06
CA GLN B 422 -13.84 -2.91 -40.44
C GLN B 422 -12.86 -2.40 -39.42
N ARG B 423 -12.68 -3.21 -38.38
CA ARG B 423 -11.92 -2.82 -37.21
C ARG B 423 -10.50 -2.44 -37.63
N LEU B 424 -9.91 -3.28 -38.49
CA LEU B 424 -8.60 -3.01 -39.09
C LEU B 424 -8.51 -1.64 -39.73
N GLU B 425 -9.50 -1.34 -40.57
CA GLU B 425 -9.56 -0.09 -41.30
C GLU B 425 -9.64 1.07 -40.33
N ARG B 426 -10.42 0.86 -39.28
CA ARG B 426 -10.68 1.90 -38.32
C ARG B 426 -9.45 2.19 -37.48
N ALA B 427 -8.74 1.14 -37.06
CA ALA B 427 -7.50 1.31 -36.32
C ALA B 427 -6.49 2.09 -37.15
N PHE B 428 -6.21 1.62 -38.36
CA PHE B 428 -5.23 2.28 -39.20
C PHE B 428 -5.54 3.76 -39.33
N GLY B 429 -6.81 4.08 -39.62
CA GLY B 429 -7.25 5.46 -39.71
C GLY B 429 -6.81 6.30 -38.52
N MET B 430 -7.01 5.77 -37.31
CA MET B 430 -6.69 6.46 -36.03
C MET B 430 -5.20 6.67 -35.87
N PHE B 431 -4.43 5.70 -36.36
CA PHE B 431 -2.98 5.73 -36.23
C PHE B 431 -2.38 6.70 -37.23
N ASP B 432 -2.88 6.69 -38.48
CA ASP B 432 -2.40 7.64 -39.50
C ASP B 432 -3.05 9.01 -39.34
N ALA B 433 -2.54 9.78 -38.39
CA ALA B 433 -3.14 11.04 -37.96
C ALA B 433 -3.14 12.14 -39.01
N ASP B 434 -2.07 12.25 -39.79
CA ASP B 434 -1.95 13.26 -40.84
C ASP B 434 -2.57 12.79 -42.16
N GLY B 435 -3.36 11.73 -42.13
CA GLY B 435 -4.02 11.20 -43.33
C GLY B 435 -3.11 10.78 -44.47
N SER B 436 -1.80 10.66 -44.23
CA SER B 436 -0.83 10.43 -45.30
C SER B 436 -0.95 9.05 -45.96
N GLY B 437 -1.80 8.18 -45.42
CA GLY B 437 -1.92 6.80 -45.88
C GLY B 437 -0.79 5.91 -45.41
N LYS B 438 0.04 6.42 -44.48
CA LYS B 438 1.21 5.72 -43.97
C LYS B 438 1.44 6.09 -42.52
N ILE B 439 1.74 5.10 -41.71
CA ILE B 439 2.05 5.29 -40.30
C ILE B 439 3.55 5.62 -40.12
N SER B 440 3.84 6.81 -39.59
CA SER B 440 5.20 7.23 -39.25
C SER B 440 5.52 7.02 -37.76
N SER B 441 6.81 6.97 -37.42
CA SER B 441 7.22 6.84 -36.02
C SER B 441 6.69 7.97 -35.16
N SER B 442 6.63 9.17 -35.73
CA SER B 442 6.08 10.31 -35.03
C SER B 442 4.61 10.06 -34.70
N GLU B 443 3.86 9.56 -35.69
CA GLU B 443 2.48 9.13 -35.45
C GLU B 443 2.41 8.06 -34.34
N LEU B 444 3.36 7.11 -34.33
CA LEU B 444 3.37 6.08 -33.29
C LEU B 444 3.62 6.66 -31.90
N ALA B 445 4.58 7.57 -31.83
CA ALA B 445 4.85 8.29 -30.59
C ALA B 445 3.57 8.95 -30.10
N THR B 446 2.89 9.61 -31.04
CA THR B 446 1.66 10.31 -30.77
C THR B 446 0.63 9.36 -30.19
N ILE B 447 0.53 8.18 -30.78
CA ILE B 447 -0.39 7.18 -30.31
C ILE B 447 -0.07 6.80 -28.87
N PHE B 448 1.21 6.64 -28.57
CA PHE B 448 1.65 6.26 -27.20
C PHE B 448 1.65 7.39 -26.17
N GLY B 449 1.47 8.62 -26.63
CA GLY B 449 1.34 9.78 -25.73
C GLY B 449 2.69 10.22 -25.22
N VAL B 450 3.69 10.09 -26.09
CA VAL B 450 5.07 10.24 -25.72
C VAL B 450 5.83 10.94 -26.86
N SER B 451 6.92 11.63 -26.52
CA SER B 451 7.60 12.55 -27.44
C SER B 451 8.15 11.88 -28.68
N GLU B 452 8.85 10.78 -28.49
CA GLU B 452 9.43 10.06 -29.61
C GLU B 452 9.53 8.57 -29.29
N VAL B 453 9.55 7.77 -30.33
CA VAL B 453 9.67 6.35 -30.15
C VAL B 453 11.14 6.02 -30.25
N ASP B 454 11.59 5.21 -29.32
CA ASP B 454 12.98 4.81 -29.29
C ASP B 454 13.32 4.28 -30.67
N SER B 455 14.40 4.80 -31.24
CA SER B 455 14.89 4.36 -32.54
C SER B 455 15.06 2.85 -32.50
N GLU B 456 15.55 2.35 -31.37
CA GLU B 456 15.70 0.93 -31.19
C GLU B 456 14.36 0.25 -31.41
N THR B 457 13.27 0.74 -30.84
CA THR B 457 11.97 0.10 -31.06
C THR B 457 11.51 0.19 -32.51
N TRP B 458 11.53 1.40 -33.07
CA TRP B 458 11.03 1.63 -34.44
C TRP B 458 11.80 0.75 -35.40
N ARG B 459 13.12 0.69 -35.23
CA ARG B 459 13.94 -0.23 -36.03
C ARG B 459 13.35 -1.62 -35.87
N ARG B 460 13.09 -2.01 -34.61
CA ARG B 460 12.45 -3.31 -34.33
C ARG B 460 11.15 -3.42 -35.10
N VAL B 461 10.40 -2.33 -35.16
CA VAL B 461 9.11 -2.31 -35.84
C VAL B 461 9.22 -2.47 -37.34
N LEU B 462 10.12 -1.74 -37.99
CA LEU B 462 10.21 -1.80 -39.46
C LEU B 462 10.76 -3.13 -39.93
N ALA B 463 11.80 -3.58 -39.23
CA ALA B 463 12.47 -4.85 -39.48
C ALA B 463 11.52 -6.05 -39.55
N GLU B 464 10.34 -5.92 -38.93
CA GLU B 464 9.31 -6.98 -38.97
C GLU B 464 8.14 -6.71 -39.95
N VAL B 465 7.99 -5.47 -40.45
CA VAL B 465 6.79 -5.06 -41.19
C VAL B 465 7.00 -4.46 -42.61
N ASP B 466 8.10 -3.76 -42.87
CA ASP B 466 8.19 -2.92 -44.09
C ASP B 466 8.60 -3.62 -45.42
N ARG B 467 7.67 -4.35 -45.99
CA ARG B 467 8.01 -5.24 -47.10
C ARG B 467 8.58 -4.47 -48.27
N ASN B 468 7.96 -3.34 -48.55
CA ASN B 468 8.48 -2.39 -49.53
C ASN B 468 9.62 -1.52 -48.99
N ASN B 469 9.68 -1.21 -47.68
CA ASN B 469 10.92 -0.59 -47.17
C ASN B 469 10.99 0.96 -47.33
N ASP B 470 9.86 1.62 -47.57
CA ASP B 470 9.88 3.08 -47.72
C ASP B 470 10.01 3.81 -46.36
N GLY B 471 10.31 3.06 -45.29
CA GLY B 471 10.50 3.66 -43.96
C GLY B 471 9.21 3.90 -43.17
N GLU B 472 8.07 3.47 -43.72
CA GLU B 472 6.76 3.65 -43.09
C GLU B 472 5.84 2.46 -43.38
N VAL B 473 4.78 2.38 -42.58
CA VAL B 473 3.81 1.29 -42.64
C VAL B 473 2.49 1.78 -43.23
N ASP B 474 2.13 1.27 -44.40
CA ASP B 474 0.85 1.58 -45.07
C ASP B 474 -0.23 0.54 -44.70
N PHE B 475 -1.46 0.72 -45.20
CA PHE B 475 -2.59 -0.17 -44.83
C PHE B 475 -2.50 -1.62 -45.35
N GLU B 476 -1.49 -1.95 -46.14
CA GLU B 476 -1.33 -3.36 -46.54
C GLU B 476 -0.29 -4.01 -45.65
N GLU B 477 0.81 -3.30 -45.46
CA GLU B 477 1.81 -3.59 -44.42
C GLU B 477 1.15 -3.75 -43.05
N PHE B 478 0.31 -2.79 -42.69
CA PHE B 478 -0.47 -2.85 -41.46
C PHE B 478 -1.35 -4.10 -41.43
N ARG B 479 -2.12 -4.27 -42.49
CA ARG B 479 -3.11 -5.33 -42.57
C ARG B 479 -2.49 -6.70 -42.33
N GLN B 480 -1.38 -6.97 -43.02
CA GLN B 480 -0.74 -8.28 -42.90
C GLN B 480 -0.02 -8.46 -41.55
N MET B 481 0.55 -7.37 -41.01
CA MET B 481 1.14 -7.35 -39.67
C MET B 481 0.26 -8.05 -38.65
N LEU B 482 -1.01 -7.65 -38.59
CA LEU B 482 -1.96 -8.21 -37.62
C LEU B 482 -2.53 -9.54 -38.11
N LEU B 483 -2.76 -9.64 -39.43
CA LEU B 483 -3.39 -10.83 -40.04
C LEU B 483 -2.58 -12.11 -39.95
N LYS B 484 -1.32 -12.01 -39.53
CA LYS B 484 -0.52 -13.16 -39.15
C LYS B 484 -1.02 -13.75 -37.80
N LEU B 485 -2.18 -14.44 -37.83
CA LEU B 485 -2.65 -15.24 -36.68
C LEU B 485 -1.57 -16.23 -36.23
CA CA C . 0.01 1.28 16.19
CA CA D . 5.61 11.12 13.41
CA CA E . 27.28 29.59 13.81
CA CA F . 20.96 36.73 19.64
CAI KS1 G . 27.11 -9.00 17.48
CAG KS1 G . 27.62 -9.82 16.33
CAH KS1 G . 28.51 -8.94 15.54
CAJ KS1 G . 29.12 -8.06 16.55
CAW KS1 G . 27.95 -7.72 17.46
NAX KS1 G . 27.20 -6.54 16.99
NAN KS1 G . 27.06 -6.20 15.66
C4 KS1 G . 26.79 -5.54 17.80
N3 KS1 G . 26.75 -5.58 19.14
C2 KS1 G . 26.27 -4.44 19.64
N1 KS1 G . 25.86 -3.35 18.99
C6 KS1 G . 25.91 -3.33 17.65
NAA KS1 G . 25.45 -2.26 17.00
C5 KS1 G . 26.41 -4.47 16.99
CAR KS1 G . 26.59 -4.95 15.68
CAP KS1 G . 26.28 -4.13 14.47
CAF KS1 G . 26.85 -2.88 14.32
CAS KS1 G . 26.52 -2.09 13.20
CAD KS1 G . 26.92 -0.84 12.69
CAB KS1 G . 26.25 -0.65 11.53
NAO KS1 G . 25.44 -1.74 11.29
CAT KS1 G . 25.61 -2.62 12.31
NAM KS1 G . 25.03 -3.82 12.45
CAE KS1 G . 25.38 -4.56 13.51
CA CA H . -7.23 -11.03 -9.05
CA CA I . -1.49 -5.21 -17.44
CA CA J . 1.99 10.56 -41.73
CA CA K . 6.20 0.65 -46.43
CAI KS1 L . -28.78 7.64 -17.17
CAG KS1 L . -28.51 7.85 -15.71
CAH KS1 L . -28.26 9.30 -15.54
CAJ KS1 L . -27.83 9.83 -16.93
CAW KS1 L . -27.81 8.61 -17.85
NAX KS1 L . -26.47 8.06 -18.06
NAN KS1 L . -25.37 8.77 -17.62
C4 KS1 L . -26.08 7.02 -18.86
N3 KS1 L . -26.90 6.14 -19.46
C2 KS1 L . -26.20 5.32 -20.26
N1 KS1 L . -24.89 5.27 -20.49
C6 KS1 L . -24.09 6.16 -19.85
NAA KS1 L . -22.76 6.07 -20.02
C5 KS1 L . -24.69 7.10 -18.99
CAR KS1 L . -24.33 8.21 -18.19
CAP KS1 L . -22.97 8.80 -18.00
CAF KS1 L . -22.27 9.31 -19.09
CAS KS1 L . -21.01 9.89 -18.89
CAD KS1 L . -20.03 10.54 -19.70
CAB KS1 L . -19.04 10.94 -18.87
NAO KS1 L . -19.34 10.57 -17.59
CAT KS1 L . -20.54 9.93 -17.59
NAM KS1 L . -21.19 9.43 -16.54
CAE KS1 L . -22.39 8.89 -16.75
#